data_1WS3
#
_entry.id   1WS3
#
_cell.length_a   140.601
_cell.length_b   140.601
_cell.length_c   151.076
_cell.angle_alpha   90.00
_cell.angle_beta   90.00
_cell.angle_gamma   120.00
#
_symmetry.space_group_name_H-M   'P 31 2 1'
#
loop_
_entity.id
_entity.type
_entity.pdbx_description
1 polymer Uricase
2 non-polymer URACIL
#
_entity_poly.entity_id   1
_entity_poly.type   'polypeptide(L)'
_entity_poly.pdbx_seq_one_letter_code
;(SAC)AVKAARYGKDNVRVYKVHKDEKTGVQTVYEMTVCVLLEGEIETSYTKADNSVIVATDSIKNTIYITAKQNPVTPP
ELFGSILGTHFIEKYNHIHAAHVNIVCHRWTRMDIDGKPHPHSFIRDSEEKRNVQVDVVEGKGIDIKSSLSGLTVLKSTN
SQFWGFLRDEYTTLKETWDRILSTDVDATWQWKNFSGLQEVRSHVPKFDATWATAREVTLKTFAEDNSASVQATMYKMAE
QILARQQLIETVEYSLPNKHYFEIDLSWHKGLQNTGKNAEVFAPQSDPNGLIKCTVGRSSLKSKL
;
_entity_poly.pdbx_strand_id   A,B,C,D
#
# COMPACT_ATOMS: atom_id res chain seq x y z
N ALA A 2 -34.26 -13.25 9.03
CA ALA A 2 -34.36 -12.08 9.89
C ALA A 2 -32.95 -11.41 10.02
N VAL A 3 -33.01 -10.11 10.31
CA VAL A 3 -31.84 -9.25 10.50
C VAL A 3 -31.27 -9.35 11.93
N LYS A 4 -30.30 -10.25 12.13
CA LYS A 4 -29.70 -10.37 13.44
C LYS A 4 -28.81 -9.20 13.87
N ALA A 5 -28.30 -8.44 12.91
CA ALA A 5 -27.42 -7.34 13.28
C ALA A 5 -27.33 -6.39 12.12
N ALA A 6 -27.13 -5.09 12.40
CA ALA A 6 -27.04 -4.09 11.35
C ALA A 6 -26.44 -2.77 11.83
N ARG A 7 -25.40 -2.31 11.14
CA ARG A 7 -24.82 -1.00 11.40
C ARG A 7 -24.60 -0.38 10.03
N TYR A 8 -24.50 0.93 9.97
CA TYR A 8 -24.16 1.61 8.73
C TYR A 8 -23.62 2.97 9.16
N GLY A 9 -22.89 3.64 8.28
CA GLY A 9 -22.31 4.95 8.62
C GLY A 9 -21.29 5.43 7.59
N LYS A 10 -20.36 6.27 8.06
CA LYS A 10 -19.34 6.93 7.24
C LYS A 10 -17.92 6.64 7.72
N ASP A 11 -17.13 6.07 6.82
CA ASP A 11 -15.77 5.70 7.12
C ASP A 11 -14.83 6.69 6.46
N ASN A 12 -13.61 6.74 6.95
CA ASN A 12 -12.61 7.57 6.33
C ASN A 12 -12.96 9.01 6.14
N VAL A 13 -13.44 9.64 7.18
CA VAL A 13 -13.66 11.07 7.06
C VAL A 13 -12.46 11.81 7.59
N ARG A 14 -11.66 12.37 6.69
CA ARG A 14 -10.49 13.09 7.16
C ARG A 14 -10.88 14.48 7.65
N VAL A 15 -10.34 14.82 8.81
CA VAL A 15 -10.67 16.09 9.41
C VAL A 15 -9.40 16.76 9.90
N TYR A 16 -9.32 18.05 9.64
CA TYR A 16 -8.19 18.84 10.12
C TYR A 16 -8.74 20.03 10.88
N LYS A 17 -8.10 20.37 12.00
CA LYS A 17 -8.53 21.49 12.81
C LYS A 17 -7.34 22.22 13.41
N VAL A 18 -7.30 23.51 13.15
CA VAL A 18 -6.24 24.38 13.66
C VAL A 18 -6.68 25.25 14.85
N HIS A 19 -5.75 25.44 15.79
CA HIS A 19 -5.99 26.26 16.94
C HIS A 19 -5.00 27.38 16.92
N LYS A 20 -5.52 28.61 17.03
CA LYS A 20 -4.70 29.80 16.99
C LYS A 20 -4.71 30.58 18.32
N ASP A 21 -3.53 30.79 18.92
CA ASP A 21 -3.40 31.59 20.15
C ASP A 21 -3.13 33.06 19.73
N GLU A 22 -4.15 33.91 19.85
CA GLU A 22 -4.03 35.31 19.44
C GLU A 22 -2.93 36.05 20.20
N LYS A 23 -2.75 35.69 21.46
CA LYS A 23 -1.69 36.28 22.26
C LYS A 23 -0.27 35.94 21.75
N THR A 24 0.13 34.68 21.95
CA THR A 24 1.44 34.15 21.60
C THR A 24 1.71 34.04 20.08
N GLY A 25 0.65 33.86 19.30
CA GLY A 25 0.77 33.69 17.86
C GLY A 25 0.91 32.20 17.47
N VAL A 26 1.21 31.39 18.48
CA VAL A 26 1.37 29.96 18.29
C VAL A 26 0.15 29.19 17.80
N GLN A 27 0.31 28.50 16.69
CA GLN A 27 -0.76 27.64 16.17
C GLN A 27 -0.51 26.18 16.50
N THR A 28 -1.60 25.42 16.53
CA THR A 28 -1.54 24.02 16.83
C THR A 28 -2.50 23.26 15.93
N VAL A 29 -2.04 22.21 15.29
CA VAL A 29 -2.95 21.47 14.43
C VAL A 29 -3.24 20.11 14.95
N TYR A 30 -4.38 19.63 14.46
CA TYR A 30 -4.93 18.31 14.77
C TYR A 30 -5.49 17.69 13.49
N GLU A 31 -5.01 16.50 13.12
CA GLU A 31 -5.55 15.81 11.97
C GLU A 31 -5.93 14.40 12.36
N MET A 32 -7.15 14.01 12.04
CA MET A 32 -7.58 12.66 12.33
C MET A 32 -8.48 12.09 11.23
N THR A 33 -8.60 10.77 11.17
CA THR A 33 -9.53 10.13 10.24
C THR A 33 -10.58 9.46 11.11
N VAL A 34 -11.85 9.76 10.79
CA VAL A 34 -13.00 9.39 11.61
C VAL A 34 -14.00 8.44 10.99
N CYS A 35 -14.48 7.47 11.76
CA CYS A 35 -15.49 6.57 11.26
C CYS A 35 -16.62 6.49 12.28
N VAL A 36 -17.86 6.63 11.83
CA VAL A 36 -19.05 6.59 12.69
C VAL A 36 -20.03 5.56 12.19
N LEU A 37 -20.39 4.60 13.03
CA LEU A 37 -21.34 3.59 12.59
C LEU A 37 -22.50 3.59 13.56
N LEU A 38 -23.71 3.68 13.03
CA LEU A 38 -24.93 3.74 13.82
C LEU A 38 -25.67 2.41 13.86
N GLU A 39 -26.34 2.19 14.99
CA GLU A 39 -27.14 1.00 15.27
C GLU A 39 -28.50 1.50 15.82
N GLY A 40 -29.59 0.82 15.50
CA GLY A 40 -30.88 1.26 16.04
C GLY A 40 -32.06 0.57 15.35
N GLU A 41 -33.23 1.17 15.45
CA GLU A 41 -34.40 0.63 14.83
C GLU A 41 -34.33 0.96 13.36
N ILE A 42 -33.56 0.20 12.58
CA ILE A 42 -33.38 0.47 11.15
C ILE A 42 -33.65 -0.74 10.27
N GLU A 43 -34.12 -1.83 10.86
CA GLU A 43 -34.37 -3.04 10.07
C GLU A 43 -35.12 -2.83 8.78
N THR A 44 -36.14 -1.98 8.84
CA THR A 44 -37.02 -1.82 7.71
C THR A 44 -36.33 -1.33 6.45
N SER A 45 -35.22 -0.61 6.60
CA SER A 45 -34.44 -0.19 5.46
C SER A 45 -33.97 -1.47 4.75
N TYR A 46 -33.65 -2.49 5.52
CA TYR A 46 -33.20 -3.71 4.89
C TYR A 46 -34.34 -4.51 4.32
N THR A 47 -35.38 -4.68 5.13
CA THR A 47 -36.51 -5.53 4.78
C THR A 47 -37.63 -4.93 3.92
N LYS A 48 -37.89 -3.63 4.06
CA LYS A 48 -38.93 -3.04 3.24
C LYS A 48 -38.43 -1.82 2.45
N ALA A 49 -37.14 -1.78 2.17
CA ALA A 49 -36.52 -0.65 1.46
C ALA A 49 -37.04 0.72 1.95
N ASP A 50 -37.23 0.80 3.27
CA ASP A 50 -37.72 2.01 3.89
C ASP A 50 -36.59 2.93 4.32
N ASN A 51 -36.38 4.01 3.58
CA ASN A 51 -35.27 4.94 3.91
C ASN A 51 -35.61 6.02 4.93
N SER A 52 -36.85 6.04 5.41
CA SER A 52 -37.31 7.09 6.33
C SER A 52 -36.60 6.99 7.67
N VAL A 53 -36.13 5.79 7.96
CA VAL A 53 -35.37 5.51 9.20
C VAL A 53 -33.86 5.73 9.03
N ILE A 54 -33.47 6.19 7.85
CA ILE A 54 -32.07 6.31 7.56
C ILE A 54 -31.58 7.73 7.57
N VAL A 55 -30.60 7.94 8.43
CA VAL A 55 -29.91 9.21 8.54
C VAL A 55 -28.77 9.05 7.54
N ALA A 56 -28.85 9.77 6.42
CA ALA A 56 -27.85 9.71 5.34
C ALA A 56 -26.39 9.72 5.81
N THR A 57 -25.57 8.89 5.18
CA THR A 57 -24.18 8.82 5.55
C THR A 57 -23.58 10.20 5.34
N ASP A 58 -23.98 10.85 4.26
CA ASP A 58 -23.50 12.21 4.01
C ASP A 58 -23.71 13.14 5.22
N SER A 59 -24.88 13.01 5.83
CA SER A 59 -25.22 13.88 6.95
C SER A 59 -24.40 13.53 8.16
N ILE A 60 -24.05 12.24 8.29
CA ILE A 60 -23.16 11.83 9.38
C ILE A 60 -21.85 12.57 9.17
N LYS A 61 -21.41 12.64 7.91
CA LYS A 61 -20.18 13.38 7.58
C LYS A 61 -20.29 14.85 7.94
N ASN A 62 -21.41 15.45 7.59
CA ASN A 62 -21.62 16.86 7.90
C ASN A 62 -21.55 17.06 9.42
N THR A 63 -22.17 16.14 10.14
CA THR A 63 -22.18 16.21 11.60
C THR A 63 -20.74 16.19 12.19
N ILE A 64 -19.86 15.33 11.64
CA ILE A 64 -18.49 15.25 12.11
C ILE A 64 -17.84 16.61 11.98
N TYR A 65 -17.98 17.20 10.79
CA TYR A 65 -17.41 18.53 10.54
C TYR A 65 -17.95 19.55 11.50
N ILE A 66 -19.28 19.60 11.61
CA ILE A 66 -19.96 20.51 12.53
C ILE A 66 -19.49 20.33 13.97
N THR A 67 -19.53 19.11 14.46
CA THR A 67 -19.08 18.86 15.82
C THR A 67 -17.65 19.32 16.13
N ALA A 68 -16.75 19.07 15.15
CA ALA A 68 -15.36 19.42 15.26
C ALA A 68 -15.25 20.93 15.38
N LYS A 69 -16.16 21.63 14.69
CA LYS A 69 -16.13 23.08 14.66
C LYS A 69 -16.49 23.69 16.00
N GLN A 70 -17.47 23.08 16.66
CA GLN A 70 -18.00 23.55 17.95
C GLN A 70 -17.52 22.82 19.22
N ASN A 71 -16.46 22.04 19.11
CA ASN A 71 -16.01 21.34 20.29
C ASN A 71 -14.54 21.10 20.19
N PRO A 72 -13.94 20.71 21.31
CA PRO A 72 -12.53 20.33 21.36
C PRO A 72 -12.38 19.01 20.58
N VAL A 73 -11.30 18.86 19.82
CA VAL A 73 -11.12 17.60 19.10
C VAL A 73 -10.05 16.81 19.83
N THR A 74 -9.64 17.36 20.97
CA THR A 74 -8.64 16.71 21.82
C THR A 74 -9.17 16.69 23.27
N PRO A 75 -8.94 15.62 24.03
CA PRO A 75 -8.28 14.43 23.55
C PRO A 75 -9.30 13.66 22.69
N PRO A 76 -8.82 12.81 21.81
CA PRO A 76 -9.73 12.09 20.98
C PRO A 76 -10.81 11.40 21.81
N GLU A 77 -10.45 10.88 22.99
CA GLU A 77 -11.40 10.14 23.83
C GLU A 77 -12.61 11.01 24.07
N LEU A 78 -12.39 12.31 24.33
CA LEU A 78 -13.49 13.24 24.57
C LEU A 78 -14.33 13.46 23.32
N PHE A 79 -13.68 13.87 22.25
CA PHE A 79 -14.36 14.12 20.98
C PHE A 79 -15.25 12.94 20.60
N GLY A 80 -14.67 11.74 20.69
CA GLY A 80 -15.39 10.53 20.33
C GLY A 80 -16.68 10.46 21.12
N SER A 81 -16.54 10.67 22.42
CA SER A 81 -17.67 10.64 23.34
C SER A 81 -18.75 11.66 23.03
N ILE A 82 -18.34 12.91 22.83
CA ILE A 82 -19.26 13.98 22.44
C ILE A 82 -19.96 13.57 21.13
N LEU A 83 -19.15 13.18 20.15
CA LEU A 83 -19.69 12.79 18.84
C LEU A 83 -20.72 11.65 18.86
N GLY A 84 -20.42 10.56 19.58
CA GLY A 84 -21.28 9.38 19.64
C GLY A 84 -22.55 9.70 20.41
N THR A 85 -22.37 10.40 21.52
CA THR A 85 -23.49 10.86 22.33
C THR A 85 -24.48 11.68 21.50
N HIS A 86 -23.98 12.57 20.64
CA HIS A 86 -24.86 13.36 19.80
C HIS A 86 -25.84 12.47 19.06
N PHE A 87 -25.33 11.43 18.45
CA PHE A 87 -26.17 10.57 17.64
C PHE A 87 -27.31 9.88 18.37
N ILE A 88 -27.05 9.39 19.58
CA ILE A 88 -28.09 8.68 20.33
C ILE A 88 -29.07 9.65 20.97
N GLU A 89 -28.63 10.88 21.23
CA GLU A 89 -29.49 11.89 21.82
C GLU A 89 -30.41 12.55 20.79
N LYS A 90 -29.89 12.92 19.63
CA LYS A 90 -30.68 13.59 18.61
C LYS A 90 -31.68 12.71 17.86
N TYR A 91 -31.40 11.40 17.74
CA TYR A 91 -32.32 10.47 17.07
C TYR A 91 -32.98 9.47 18.04
N ASN A 92 -34.29 9.38 17.95
CA ASN A 92 -35.01 8.47 18.84
C ASN A 92 -34.75 7.02 18.46
N HIS A 93 -34.63 6.73 17.16
CA HIS A 93 -34.46 5.34 16.72
C HIS A 93 -33.04 4.83 16.76
N ILE A 94 -32.11 5.72 17.00
CA ILE A 94 -30.71 5.34 17.10
C ILE A 94 -30.35 5.11 18.59
N HIS A 95 -29.84 3.91 18.87
CA HIS A 95 -29.55 3.50 20.24
C HIS A 95 -28.07 3.16 20.50
N ALA A 96 -27.27 3.11 19.43
CA ALA A 96 -25.83 2.86 19.52
C ALA A 96 -25.08 3.70 18.47
N ALA A 97 -23.91 4.15 18.88
CA ALA A 97 -23.02 4.90 18.01
C ALA A 97 -21.61 4.34 18.25
N HIS A 98 -20.93 3.97 17.18
CA HIS A 98 -19.57 3.49 17.32
C HIS A 98 -18.64 4.41 16.55
N VAL A 99 -17.80 5.11 17.31
CA VAL A 99 -16.90 6.07 16.75
C VAL A 99 -15.45 5.63 16.84
N ASN A 100 -14.78 5.59 15.69
CA ASN A 100 -13.38 5.25 15.63
C ASN A 100 -12.60 6.48 15.17
N ILE A 101 -11.51 6.78 15.86
CA ILE A 101 -10.71 7.91 15.45
C ILE A 101 -9.25 7.52 15.44
N VAL A 102 -8.60 7.89 14.34
CA VAL A 102 -7.18 7.67 14.19
C VAL A 102 -6.55 9.05 14.20
N CYS A 103 -5.56 9.25 15.03
CA CYS A 103 -4.85 10.53 15.05
C CYS A 103 -3.47 10.44 14.41
N HIS A 104 -3.25 11.32 13.45
CA HIS A 104 -1.96 11.43 12.76
C HIS A 104 -0.99 12.41 13.43
N ARG A 105 0.30 12.09 13.43
CA ARG A 105 1.24 12.99 14.08
C ARG A 105 1.59 14.22 13.23
N TRP A 106 1.46 15.41 13.83
CA TRP A 106 1.90 16.64 13.21
C TRP A 106 2.75 17.34 14.23
N THR A 107 3.95 16.85 14.40
CA THR A 107 4.85 17.35 15.42
C THR A 107 5.48 18.72 15.08
N ARG A 108 5.51 19.64 16.04
CA ARG A 108 6.09 20.96 15.81
C ARG A 108 7.58 20.90 15.51
N MET A 109 7.99 21.67 14.48
CA MET A 109 9.38 21.74 14.01
C MET A 109 10.25 22.58 14.95
N ASP A 110 11.50 22.11 15.18
CA ASP A 110 12.49 22.85 15.98
C ASP A 110 13.47 23.47 14.98
N ILE A 111 13.35 24.78 14.81
CA ILE A 111 14.16 25.52 13.86
C ILE A 111 15.18 26.32 14.68
N ASP A 112 16.45 25.93 14.58
CA ASP A 112 17.50 26.65 15.29
C ASP A 112 17.28 26.48 16.80
N GLY A 113 16.80 25.30 17.17
CA GLY A 113 16.58 24.98 18.57
C GLY A 113 15.34 25.62 19.19
N LYS A 114 14.59 26.37 18.40
CA LYS A 114 13.37 26.97 18.92
C LYS A 114 12.14 26.41 18.21
N PRO A 115 11.12 26.06 19.00
CA PRO A 115 9.90 25.48 18.46
C PRO A 115 9.20 26.49 17.57
N HIS A 116 8.89 26.06 16.35
CA HIS A 116 8.22 26.94 15.43
C HIS A 116 6.73 27.13 15.74
N PRO A 117 6.28 28.36 15.59
CA PRO A 117 4.91 28.72 15.87
C PRO A 117 3.84 28.07 14.99
N HIS A 118 4.18 27.72 13.74
CA HIS A 118 3.19 27.15 12.83
C HIS A 118 3.74 26.20 11.77
N SER A 119 4.82 25.47 12.10
CA SER A 119 5.36 24.51 11.15
C SER A 119 5.47 23.13 11.74
N PHE A 120 4.97 22.14 11.02
CA PHE A 120 4.98 20.77 11.53
C PHE A 120 5.53 19.70 10.63
N ILE A 121 5.99 18.62 11.23
CA ILE A 121 6.54 17.52 10.46
C ILE A 121 5.85 16.22 10.90
N ARG A 122 5.52 15.37 9.94
CA ARG A 122 4.93 14.07 10.23
C ARG A 122 6.12 13.25 10.65
N ASP A 123 6.39 13.24 11.95
CA ASP A 123 7.61 12.66 12.45
C ASP A 123 7.52 11.16 12.72
N SER A 124 6.46 10.51 12.25
CA SER A 124 6.30 9.07 12.44
C SER A 124 4.97 8.56 11.95
N GLU A 125 4.95 7.32 11.46
CA GLU A 125 3.67 6.79 11.00
C GLU A 125 2.89 6.08 12.12
N GLU A 126 3.36 6.30 13.36
CA GLU A 126 2.77 5.76 14.58
C GLU A 126 1.45 6.54 14.80
N LYS A 127 0.39 5.80 15.16
CA LYS A 127 -0.93 6.40 15.43
C LYS A 127 -1.40 6.29 16.89
N ARG A 128 -2.30 7.23 17.25
CA ARG A 128 -2.97 7.22 18.54
C ARG A 128 -4.42 7.14 18.16
N ASN A 129 -5.06 6.07 18.61
CA ASN A 129 -6.43 5.86 18.25
C ASN A 129 -7.36 5.75 19.43
N VAL A 130 -8.67 5.83 19.13
CA VAL A 130 -9.74 5.56 20.11
C VAL A 130 -10.93 4.87 19.46
N GLN A 131 -11.52 3.93 20.19
CA GLN A 131 -12.77 3.30 19.76
C GLN A 131 -13.71 3.62 20.91
N VAL A 132 -14.79 4.32 20.60
CA VAL A 132 -15.73 4.81 21.59
C VAL A 132 -17.13 4.33 21.29
N ASP A 133 -17.58 3.38 22.10
CA ASP A 133 -18.90 2.87 21.93
C ASP A 133 -19.85 3.57 22.89
N VAL A 134 -20.88 4.16 22.31
CA VAL A 134 -21.92 4.84 23.07
C VAL A 134 -23.26 4.13 22.86
N VAL A 135 -23.66 3.38 23.88
CA VAL A 135 -24.90 2.61 23.83
C VAL A 135 -25.94 3.17 24.77
N GLU A 136 -27.13 3.46 24.25
CA GLU A 136 -28.18 4.04 25.06
C GLU A 136 -28.49 3.20 26.31
N GLY A 137 -28.37 3.86 27.47
CA GLY A 137 -28.66 3.23 28.75
C GLY A 137 -27.50 2.41 29.25
N LYS A 138 -26.50 2.27 28.41
CA LYS A 138 -25.36 1.48 28.80
C LYS A 138 -24.10 2.29 29.06
N GLY A 139 -24.16 3.59 28.80
CA GLY A 139 -23.02 4.45 29.10
C GLY A 139 -22.07 4.55 27.93
N ILE A 140 -20.78 4.79 28.23
CA ILE A 140 -19.75 5.01 27.24
C ILE A 140 -18.54 4.13 27.43
N ASP A 141 -18.28 3.26 26.47
CA ASP A 141 -17.12 2.39 26.52
C ASP A 141 -15.99 2.89 25.61
N ILE A 142 -14.84 3.13 26.22
CA ILE A 142 -13.69 3.65 25.52
C ILE A 142 -12.44 2.76 25.55
N LYS A 143 -11.97 2.38 24.36
CA LYS A 143 -10.72 1.64 24.24
C LYS A 143 -9.73 2.63 23.64
N SER A 144 -8.58 2.78 24.29
CA SER A 144 -7.59 3.71 23.79
C SER A 144 -6.35 2.94 23.33
N SER A 145 -5.65 3.45 22.33
CA SER A 145 -4.49 2.69 21.88
C SER A 145 -3.45 3.44 21.08
N LEU A 146 -2.32 2.78 20.94
CA LEU A 146 -1.21 3.27 20.17
C LEU A 146 -0.83 2.16 19.21
N SER A 147 -0.56 2.54 17.96
CA SER A 147 -0.23 1.53 16.99
C SER A 147 0.80 2.00 15.99
N GLY A 148 1.43 1.06 15.29
CA GLY A 148 2.41 1.48 14.33
C GLY A 148 3.65 2.03 15.00
N LEU A 149 3.95 1.49 16.17
CA LEU A 149 5.19 1.81 16.81
C LEU A 149 6.15 0.67 16.48
N THR A 150 7.16 0.95 15.67
CA THR A 150 8.13 -0.08 15.25
C THR A 150 9.44 0.06 16.00
N VAL A 151 9.96 -1.05 16.52
CA VAL A 151 11.17 -1.01 17.33
C VAL A 151 12.09 -2.21 17.10
N LEU A 152 13.38 -2.01 17.39
CA LEU A 152 14.36 -3.06 17.18
C LEU A 152 15.50 -2.93 18.19
N LYS A 153 15.85 -4.05 18.81
CA LYS A 153 17.00 -4.09 19.68
C LYS A 153 17.98 -5.14 19.14
N SER A 154 19.23 -4.75 18.92
CA SER A 154 20.22 -5.63 18.29
C SER A 154 20.62 -6.84 19.12
N THR A 155 20.54 -6.72 20.43
CA THR A 155 20.99 -7.78 21.34
C THR A 155 20.10 -7.77 22.58
N ASN A 156 20.44 -8.59 23.56
CA ASN A 156 19.70 -8.68 24.83
C ASN A 156 18.32 -9.26 24.60
N SER A 157 18.31 -10.38 23.89
CA SER A 157 17.10 -11.15 23.66
C SER A 157 17.55 -12.52 23.28
N GLN A 158 16.92 -13.51 23.89
CA GLN A 158 17.24 -14.89 23.58
C GLN A 158 15.97 -15.71 23.38
N PHE A 159 16.16 -16.91 22.87
CA PHE A 159 15.05 -17.79 22.74
C PHE A 159 15.64 -19.18 22.83
N TRP A 160 15.31 -19.86 23.92
CA TRP A 160 15.75 -21.22 24.14
C TRP A 160 14.78 -21.83 25.15
N GLY A 161 14.83 -23.14 25.31
CA GLY A 161 13.96 -23.83 26.28
C GLY A 161 12.52 -24.07 25.83
N PHE A 162 12.22 -23.84 24.55
CA PHE A 162 10.88 -24.05 23.99
C PHE A 162 10.78 -25.50 23.63
N LEU A 163 9.55 -25.96 23.48
CA LEU A 163 9.25 -27.34 23.17
C LEU A 163 9.92 -27.84 21.88
N ARG A 164 10.42 -29.08 21.92
CA ARG A 164 11.01 -29.67 20.75
C ARG A 164 10.44 -31.05 20.40
N ASP A 165 9.96 -31.19 19.17
CA ASP A 165 9.42 -32.46 18.70
C ASP A 165 9.82 -32.66 17.25
N GLU A 166 9.13 -33.56 16.57
CA GLU A 166 9.47 -33.90 15.19
C GLU A 166 9.15 -32.84 14.14
N TYR A 167 8.49 -31.78 14.58
CA TYR A 167 8.20 -30.63 13.76
C TYR A 167 9.18 -29.48 14.02
N THR A 168 10.19 -29.70 14.87
CA THR A 168 11.09 -28.62 15.28
C THR A 168 12.47 -28.62 14.61
N THR A 169 12.89 -27.45 14.14
CA THR A 169 14.18 -27.33 13.47
C THR A 169 14.92 -26.08 13.95
N LEU A 170 14.20 -25.26 14.70
CA LEU A 170 14.76 -24.04 15.18
C LEU A 170 15.85 -24.29 16.23
N LYS A 171 17.00 -23.67 16.04
CA LYS A 171 18.06 -23.82 17.03
C LYS A 171 17.87 -22.83 18.16
N GLU A 172 18.17 -23.25 19.39
CA GLU A 172 18.08 -22.32 20.53
C GLU A 172 19.11 -21.17 20.41
N THR A 173 18.83 -20.03 21.00
CA THR A 173 19.77 -18.94 20.89
C THR A 173 19.87 -18.02 22.10
N TRP A 174 21.11 -17.66 22.46
CA TRP A 174 21.33 -16.79 23.57
C TRP A 174 21.56 -15.31 23.22
N ASP A 175 21.62 -14.99 21.94
CA ASP A 175 21.74 -13.60 21.53
C ASP A 175 21.03 -13.57 20.20
N ARG A 176 20.07 -12.66 20.05
CA ARG A 176 19.29 -12.58 18.82
C ARG A 176 18.67 -11.18 18.68
N ILE A 177 18.43 -10.72 17.45
CA ILE A 177 17.79 -9.41 17.24
C ILE A 177 16.31 -9.53 17.58
N LEU A 178 15.69 -8.50 18.16
CA LEU A 178 14.27 -8.57 18.42
C LEU A 178 13.63 -7.31 17.91
N SER A 179 12.78 -7.46 16.89
CA SER A 179 12.12 -6.30 16.26
C SER A 179 10.60 -6.62 16.19
N THR A 180 9.77 -5.59 16.25
CA THR A 180 8.32 -5.81 16.30
C THR A 180 7.60 -4.47 16.15
N ASP A 181 6.39 -4.52 15.59
CA ASP A 181 5.53 -3.35 15.57
C ASP A 181 4.71 -3.52 16.84
N VAL A 182 4.42 -2.46 17.56
CA VAL A 182 3.63 -2.61 18.77
C VAL A 182 2.23 -2.03 18.69
N ASP A 183 1.26 -2.87 19.03
CA ASP A 183 -0.12 -2.46 19.02
C ASP A 183 -0.63 -2.69 20.43
N ALA A 184 -0.78 -1.58 21.18
CA ALA A 184 -1.13 -1.61 22.59
C ALA A 184 -2.40 -0.86 22.87
N THR A 185 -3.32 -1.57 23.51
CA THR A 185 -4.58 -0.98 23.87
C THR A 185 -4.92 -1.16 25.32
N TRP A 186 -5.46 -0.08 25.88
CA TRP A 186 -5.97 -0.09 27.24
C TRP A 186 -7.44 0.28 27.24
N GLN A 187 -8.23 -0.56 27.91
CA GLN A 187 -9.69 -0.36 28.06
C GLN A 187 -10.10 0.35 29.36
N TRP A 188 -10.88 1.42 29.21
CA TRP A 188 -11.30 2.17 30.38
C TRP A 188 -12.51 1.51 31.00
N LYS A 189 -12.72 1.80 32.28
CA LYS A 189 -13.88 1.29 33.02
C LYS A 189 -15.06 2.09 32.50
N ASN A 190 -16.18 1.42 32.25
CA ASN A 190 -17.35 2.09 31.70
C ASN A 190 -17.64 3.46 32.28
N PHE A 191 -17.97 4.44 31.45
CA PHE A 191 -18.38 5.73 32.00
C PHE A 191 -19.89 5.87 31.86
N SER A 192 -20.52 6.56 32.82
CA SER A 192 -21.97 6.68 32.88
C SER A 192 -22.53 7.61 31.81
N GLY A 193 -21.77 8.64 31.46
CA GLY A 193 -22.24 9.62 30.50
C GLY A 193 -21.16 10.64 30.18
N LEU A 194 -21.51 11.60 29.35
CA LEU A 194 -20.58 12.64 28.91
C LEU A 194 -19.87 13.39 30.04
N GLN A 195 -20.56 13.54 31.16
CA GLN A 195 -20.00 14.27 32.29
C GLN A 195 -18.89 13.53 32.94
N GLU A 196 -19.15 12.28 33.27
CA GLU A 196 -18.12 11.44 33.85
C GLU A 196 -16.85 11.50 32.97
N VAL A 197 -17.03 11.38 31.67
CA VAL A 197 -15.93 11.51 30.76
C VAL A 197 -15.25 12.88 30.96
N ARG A 198 -16.03 13.96 30.81
CA ARG A 198 -15.46 15.31 30.99
C ARG A 198 -14.59 15.43 32.24
N SER A 199 -15.07 14.81 33.30
CA SER A 199 -14.40 14.87 34.58
C SER A 199 -13.01 14.20 34.62
N HIS A 200 -12.73 13.35 33.62
CA HIS A 200 -11.48 12.61 33.62
C HIS A 200 -10.55 13.03 32.50
N VAL A 201 -10.98 14.02 31.74
CA VAL A 201 -10.19 14.52 30.63
C VAL A 201 -8.65 14.43 30.75
N PRO A 202 -8.09 14.94 31.83
CA PRO A 202 -6.64 14.95 32.01
C PRO A 202 -6.00 13.56 32.03
N LYS A 203 -6.78 12.57 32.44
CA LYS A 203 -6.27 11.22 32.55
C LYS A 203 -5.92 10.60 31.20
N PHE A 204 -6.60 11.10 30.17
CA PHE A 204 -6.42 10.61 28.80
C PHE A 204 -5.05 10.77 28.20
N ASP A 205 -4.61 12.00 27.99
CA ASP A 205 -3.27 12.27 27.47
C ASP A 205 -2.17 11.66 28.37
N ALA A 206 -2.39 11.76 29.67
CA ALA A 206 -1.47 11.23 30.66
C ALA A 206 -1.21 9.73 30.55
N THR A 207 -2.29 8.98 30.32
CA THR A 207 -2.22 7.53 30.22
C THR A 207 -1.58 7.12 28.90
N TRP A 208 -1.96 7.79 27.82
CA TRP A 208 -1.37 7.55 26.51
C TRP A 208 0.15 7.68 26.67
N ALA A 209 0.55 8.80 27.29
CA ALA A 209 1.94 9.09 27.51
C ALA A 209 2.61 8.00 28.31
N THR A 210 1.96 7.57 29.37
CA THR A 210 2.48 6.51 30.22
C THR A 210 2.67 5.16 29.53
N ALA A 211 1.61 4.74 28.83
CA ALA A 211 1.56 3.52 28.01
C ALA A 211 2.76 3.45 27.04
N ARG A 212 3.03 4.60 26.41
CA ARG A 212 4.13 4.73 25.42
C ARG A 212 5.47 4.58 26.12
N GLU A 213 5.64 5.36 27.17
CA GLU A 213 6.88 5.35 27.90
C GLU A 213 7.19 3.96 28.47
N VAL A 214 6.16 3.33 29.02
CA VAL A 214 6.34 2.03 29.63
C VAL A 214 6.80 1.04 28.59
N THR A 215 6.19 1.14 27.41
CA THR A 215 6.44 0.19 26.35
C THR A 215 7.87 0.31 25.81
N LEU A 216 8.27 1.55 25.52
CA LEU A 216 9.62 1.81 25.07
C LEU A 216 10.64 1.31 26.11
N LYS A 217 10.53 1.84 27.33
CA LYS A 217 11.44 1.50 28.43
C LYS A 217 11.61 0.02 28.70
N THR A 218 10.49 -0.68 28.84
CA THR A 218 10.50 -2.12 29.10
C THR A 218 11.14 -2.89 27.96
N PHE A 219 10.81 -2.48 26.73
CA PHE A 219 11.36 -3.17 25.58
C PHE A 219 12.89 -3.01 25.58
N ALA A 220 13.35 -1.79 25.82
CA ALA A 220 14.76 -1.45 25.80
C ALA A 220 15.52 -2.16 26.89
N GLU A 221 14.99 -2.05 28.11
CA GLU A 221 15.64 -2.59 29.30
C GLU A 221 15.52 -4.10 29.59
N ASP A 222 14.35 -4.66 29.35
CA ASP A 222 14.16 -6.09 29.52
C ASP A 222 15.08 -7.01 28.69
N ASN A 223 15.88 -7.79 29.39
CA ASN A 223 16.73 -8.78 28.72
C ASN A 223 16.04 -10.12 28.92
N SER A 224 15.11 -10.47 28.04
CA SER A 224 14.32 -11.67 28.24
C SER A 224 14.53 -12.73 27.21
N ALA A 225 14.01 -13.92 27.49
CA ALA A 225 14.02 -14.99 26.52
C ALA A 225 12.56 -15.38 26.28
N SER A 226 11.66 -14.42 26.58
CA SER A 226 10.20 -14.54 26.38
C SER A 226 9.52 -13.23 25.96
N VAL A 227 9.16 -13.09 24.67
CA VAL A 227 8.47 -11.84 24.29
C VAL A 227 7.20 -11.78 25.12
N GLN A 228 6.60 -12.95 25.36
CA GLN A 228 5.40 -13.06 26.19
C GLN A 228 5.66 -12.43 27.53
N ALA A 229 6.79 -12.82 28.12
CA ALA A 229 7.19 -12.29 29.42
C ALA A 229 7.27 -10.76 29.42
N THR A 230 7.95 -10.20 28.43
CA THR A 230 8.13 -8.76 28.31
C THR A 230 6.80 -8.05 28.16
N MET A 231 5.92 -8.56 27.32
CA MET A 231 4.64 -7.91 27.09
C MET A 231 3.94 -7.80 28.42
N TYR A 232 3.87 -8.92 29.10
CA TYR A 232 3.20 -8.99 30.37
C TYR A 232 3.69 -7.86 31.29
N LYS A 233 4.99 -7.81 31.58
CA LYS A 233 5.55 -6.76 32.45
C LYS A 233 5.05 -5.36 32.08
N MET A 234 4.95 -5.10 30.76
CA MET A 234 4.46 -3.81 30.24
C MET A 234 3.02 -3.59 30.69
N ALA A 235 2.19 -4.62 30.55
CA ALA A 235 0.80 -4.51 30.95
C ALA A 235 0.65 -4.25 32.46
N GLU A 236 1.36 -5.01 33.29
CA GLU A 236 1.33 -4.82 34.74
C GLU A 236 1.58 -3.36 35.07
N GLN A 237 2.71 -2.83 34.62
CA GLN A 237 3.00 -1.45 34.96
C GLN A 237 1.90 -0.48 34.54
N ILE A 238 1.26 -0.75 33.40
CA ILE A 238 0.26 0.18 32.94
C ILE A 238 -0.96 0.15 33.82
N LEU A 239 -1.33 -1.07 34.24
CA LEU A 239 -2.47 -1.26 35.12
C LEU A 239 -2.18 -0.64 36.47
N ALA A 240 -0.94 -0.81 36.92
CA ALA A 240 -0.48 -0.26 38.21
C ALA A 240 -0.58 1.25 38.23
N ARG A 241 -0.14 1.89 37.13
CA ARG A 241 -0.13 3.34 37.07
C ARG A 241 -1.45 4.03 36.79
N GLN A 242 -2.53 3.27 36.56
CA GLN A 242 -3.82 3.91 36.28
C GLN A 242 -5.00 3.01 36.57
N GLN A 243 -5.62 3.31 37.72
CA GLN A 243 -6.74 2.56 38.28
C GLN A 243 -8.00 2.45 37.44
N LEU A 244 -8.27 3.51 36.67
CA LEU A 244 -9.42 3.56 35.79
C LEU A 244 -9.37 2.61 34.57
N ILE A 245 -8.20 2.02 34.31
CA ILE A 245 -8.02 1.06 33.23
C ILE A 245 -8.47 -0.32 33.76
N GLU A 246 -9.25 -1.05 32.95
CA GLU A 246 -9.72 -2.40 33.30
C GLU A 246 -8.84 -3.53 32.72
N THR A 247 -8.43 -3.35 31.46
CA THR A 247 -7.56 -4.33 30.83
C THR A 247 -6.58 -3.61 29.91
N VAL A 248 -5.44 -4.26 29.65
CA VAL A 248 -4.47 -3.75 28.68
C VAL A 248 -4.21 -4.91 27.74
N GLU A 249 -4.06 -4.59 26.47
CA GLU A 249 -3.94 -5.61 25.44
C GLU A 249 -2.80 -5.27 24.48
N TYR A 250 -1.91 -6.25 24.34
CA TYR A 250 -0.78 -6.12 23.44
C TYR A 250 -0.84 -7.08 22.26
N SER A 251 -0.50 -6.57 21.09
CA SER A 251 -0.38 -7.38 19.89
C SER A 251 0.98 -7.05 19.36
N LEU A 252 1.83 -8.07 19.28
CA LEU A 252 3.19 -7.88 18.80
C LEU A 252 3.50 -8.81 17.65
N PRO A 253 3.54 -8.27 16.43
CA PRO A 253 3.91 -9.04 15.24
C PRO A 253 5.44 -9.11 15.08
N ASN A 254 6.01 -10.22 15.51
CA ASN A 254 7.42 -10.35 15.39
C ASN A 254 8.13 -10.33 14.05
N LYS A 255 9.05 -9.40 13.83
CA LYS A 255 9.77 -9.31 12.55
C LYS A 255 11.16 -9.95 12.59
N HIS A 256 11.36 -11.00 11.79
CA HIS A 256 12.60 -11.78 11.83
C HIS A 256 13.77 -11.31 11.02
N TYR A 257 14.96 -11.54 11.56
CA TYR A 257 16.17 -11.17 10.84
C TYR A 257 17.01 -12.42 10.83
N PHE A 258 17.22 -13.03 9.68
CA PHE A 258 17.95 -14.28 9.65
C PHE A 258 19.44 -14.08 9.52
N GLU A 259 20.20 -15.04 10.05
CA GLU A 259 21.65 -14.99 9.89
C GLU A 259 21.95 -15.47 8.47
N ILE A 260 23.06 -15.02 7.93
CA ILE A 260 23.38 -15.42 6.58
C ILE A 260 24.71 -16.13 6.63
N ASP A 261 24.72 -17.43 6.35
CA ASP A 261 25.97 -18.22 6.38
C ASP A 261 26.81 -17.94 5.14
N LEU A 262 28.00 -17.42 5.33
CA LEU A 262 28.80 -17.02 4.18
C LEU A 262 30.10 -17.84 4.06
N SER A 263 30.17 -18.86 4.91
CA SER A 263 31.31 -19.75 4.97
C SER A 263 31.68 -20.33 3.60
N TRP A 264 30.67 -20.66 2.80
CA TRP A 264 30.89 -21.23 1.47
C TRP A 264 31.74 -20.33 0.62
N HIS A 265 31.95 -19.11 1.09
CA HIS A 265 32.75 -18.17 0.31
C HIS A 265 34.00 -17.81 1.08
N LYS A 266 35.13 -18.39 0.67
CA LYS A 266 36.41 -18.13 1.29
C LYS A 266 36.33 -18.25 2.82
N GLY A 267 35.54 -19.22 3.27
CA GLY A 267 35.36 -19.47 4.71
C GLY A 267 35.04 -18.19 5.47
N LEU A 268 34.15 -17.38 4.91
CA LEU A 268 33.74 -16.13 5.53
C LEU A 268 32.95 -16.45 6.79
N GLN A 269 33.29 -15.78 7.90
CA GLN A 269 32.60 -16.02 9.17
C GLN A 269 31.51 -14.98 9.43
N ASN A 270 30.26 -15.40 9.34
CA ASN A 270 29.17 -14.46 9.55
C ASN A 270 28.03 -14.97 10.39
N THR A 271 28.28 -16.01 11.19
CA THR A 271 27.23 -16.57 12.04
C THR A 271 27.63 -16.56 13.50
N GLY A 272 26.68 -16.91 14.36
CA GLY A 272 26.92 -16.94 15.78
C GLY A 272 27.57 -15.65 16.26
N LYS A 273 28.74 -15.79 16.88
CA LYS A 273 29.44 -14.67 17.49
C LYS A 273 29.94 -13.68 16.45
N ASN A 274 30.08 -14.18 15.22
CA ASN A 274 30.57 -13.38 14.11
C ASN A 274 29.54 -12.73 13.24
N ALA A 275 28.26 -12.99 13.52
CA ALA A 275 27.17 -12.40 12.74
C ALA A 275 27.19 -10.89 12.73
N GLU A 276 27.26 -10.32 11.54
CA GLU A 276 27.28 -8.89 11.30
C GLU A 276 26.18 -8.48 10.31
N VAL A 277 26.13 -9.21 9.20
CA VAL A 277 25.17 -8.94 8.12
C VAL A 277 24.03 -9.95 8.21
N PHE A 278 22.79 -9.44 8.22
CA PHE A 278 21.59 -10.25 8.38
C PHE A 278 20.59 -9.92 7.28
N ALA A 279 19.75 -10.92 6.97
CA ALA A 279 18.68 -10.74 6.00
C ALA A 279 17.31 -10.56 6.68
N PRO A 280 16.82 -9.32 6.70
CA PRO A 280 15.50 -9.04 7.27
C PRO A 280 14.43 -9.77 6.46
N GLN A 281 13.52 -10.49 7.13
CA GLN A 281 12.44 -11.22 6.45
C GLN A 281 11.12 -10.50 6.37
N SER A 282 10.61 -10.36 5.16
CA SER A 282 9.37 -9.65 5.01
C SER A 282 8.18 -10.44 5.58
N ASP A 283 8.26 -11.77 5.44
CA ASP A 283 7.32 -12.75 6.00
C ASP A 283 7.98 -14.15 6.07
N PRO A 284 7.36 -15.09 6.79
CA PRO A 284 6.20 -14.81 7.58
C PRO A 284 6.66 -14.17 8.86
N ASN A 285 5.73 -14.01 9.79
CA ASN A 285 6.12 -13.43 11.05
C ASN A 285 5.35 -13.94 12.24
N GLY A 286 6.03 -14.11 13.37
CA GLY A 286 5.37 -14.56 14.58
C GLY A 286 4.34 -13.52 15.06
N LEU A 287 3.36 -13.94 15.82
CA LEU A 287 2.42 -12.96 16.31
C LEU A 287 1.99 -13.36 17.71
N ILE A 288 2.35 -12.52 18.66
CA ILE A 288 2.01 -12.77 20.05
C ILE A 288 1.00 -11.76 20.57
N LYS A 289 -0.02 -12.25 21.25
CA LYS A 289 -1.05 -11.40 21.80
C LYS A 289 -1.34 -11.80 23.24
N CYS A 290 -2.01 -10.90 23.96
CA CYS A 290 -2.43 -11.20 25.31
C CYS A 290 -3.19 -10.04 25.92
N THR A 291 -4.23 -10.42 26.65
CA THR A 291 -5.04 -9.45 27.37
C THR A 291 -4.85 -9.66 28.85
N VAL A 292 -4.43 -8.60 29.53
CA VAL A 292 -4.12 -8.69 30.95
C VAL A 292 -5.12 -7.88 31.70
N GLY A 293 -5.56 -8.43 32.82
CA GLY A 293 -6.54 -7.71 33.63
C GLY A 293 -6.12 -7.77 35.10
N ARG A 294 -6.99 -7.24 35.97
CA ARG A 294 -6.70 -7.21 37.40
C ARG A 294 -7.10 -8.52 38.10
N SER A 295 -6.25 -8.98 39.01
CA SER A 295 -6.48 -10.21 39.73
C SER A 295 -7.72 -10.10 40.62
N SER A 296 -8.38 -11.23 40.85
N ALA B 2 -3.55 -10.49 36.12
CA ALA B 2 -3.71 -11.84 35.60
C ALA B 2 -4.02 -11.82 34.09
N VAL B 3 -3.62 -12.88 33.41
CA VAL B 3 -3.84 -13.04 32.00
C VAL B 3 -5.29 -13.45 31.78
N LYS B 4 -6.06 -12.60 31.12
CA LYS B 4 -7.44 -12.91 30.79
C LYS B 4 -7.56 -13.59 29.44
N ALA B 5 -6.59 -13.37 28.57
CA ALA B 5 -6.62 -13.97 27.25
C ALA B 5 -5.21 -14.08 26.69
N ALA B 6 -5.01 -14.99 25.74
CA ALA B 6 -3.69 -15.12 25.12
C ALA B 6 -3.70 -16.04 23.92
N ARG B 7 -3.05 -15.59 22.85
CA ARG B 7 -2.97 -16.33 21.61
C ARG B 7 -1.58 -16.04 21.09
N TYR B 8 -1.02 -16.95 20.31
CA TYR B 8 0.24 -16.65 19.68
C TYR B 8 0.32 -17.60 18.50
N GLY B 9 1.19 -17.32 17.55
CA GLY B 9 1.31 -18.15 16.36
C GLY B 9 2.06 -17.49 15.19
N LYS B 10 1.90 -18.07 14.02
CA LYS B 10 2.55 -17.57 12.83
C LYS B 10 1.55 -16.92 11.87
N ASP B 11 1.93 -15.75 11.39
CA ASP B 11 1.11 -15.04 10.43
C ASP B 11 1.85 -14.88 9.08
N ASN B 12 1.07 -14.65 8.03
CA ASN B 12 1.63 -14.50 6.70
C ASN B 12 2.54 -15.63 6.22
N VAL B 13 2.08 -16.86 6.36
CA VAL B 13 2.83 -18.01 5.90
C VAL B 13 2.40 -18.30 4.45
N ARG B 14 3.17 -17.85 3.46
CA ARG B 14 2.73 -18.07 2.08
C ARG B 14 3.04 -19.49 1.65
N VAL B 15 2.04 -20.15 1.08
CA VAL B 15 2.16 -21.53 0.66
C VAL B 15 1.70 -21.67 -0.78
N TYR B 16 2.40 -22.51 -1.53
CA TYR B 16 2.02 -22.81 -2.91
C TYR B 16 2.10 -24.31 -3.14
N LYS B 17 1.08 -24.87 -3.75
CA LYS B 17 1.04 -26.29 -4.01
C LYS B 17 0.54 -26.51 -5.40
N VAL B 18 1.23 -27.43 -6.07
CA VAL B 18 0.89 -27.79 -7.42
C VAL B 18 0.38 -29.23 -7.49
N HIS B 19 -0.57 -29.45 -8.39
CA HIS B 19 -1.10 -30.79 -8.61
C HIS B 19 -0.91 -31.18 -10.03
N LYS B 20 -0.21 -32.29 -10.25
CA LYS B 20 0.02 -32.77 -11.60
C LYS B 20 -0.78 -34.05 -11.91
N ASP B 21 -1.45 -34.08 -13.06
CA ASP B 21 -2.22 -35.24 -13.51
C ASP B 21 -1.34 -35.95 -14.53
N GLU B 22 -0.80 -37.09 -14.13
CA GLU B 22 0.15 -37.85 -14.96
C GLU B 22 -0.46 -38.21 -16.30
N LYS B 23 -1.72 -38.64 -16.24
CA LYS B 23 -2.47 -38.98 -17.43
C LYS B 23 -2.55 -37.81 -18.40
N THR B 24 -3.50 -36.92 -18.14
CA THR B 24 -3.77 -35.74 -18.97
C THR B 24 -2.67 -34.69 -19.10
N GLY B 25 -1.74 -34.66 -18.14
CA GLY B 25 -0.61 -33.73 -18.15
C GLY B 25 -1.00 -32.34 -17.61
N VAL B 26 -2.27 -32.16 -17.30
CA VAL B 26 -2.75 -30.90 -16.76
C VAL B 26 -2.33 -30.64 -15.31
N GLN B 27 -1.76 -29.46 -15.10
CA GLN B 27 -1.32 -29.03 -13.79
C GLN B 27 -2.22 -27.96 -13.21
N THR B 28 -2.45 -28.03 -11.90
CA THR B 28 -3.30 -27.09 -11.19
C THR B 28 -2.58 -26.49 -10.00
N VAL B 29 -2.61 -25.17 -9.86
CA VAL B 29 -1.91 -24.55 -8.77
C VAL B 29 -2.81 -23.91 -7.72
N TYR B 30 -2.31 -23.93 -6.49
CA TYR B 30 -3.01 -23.37 -5.37
C TYR B 30 -2.04 -22.49 -4.58
N GLU B 31 -2.41 -21.25 -4.33
CA GLU B 31 -1.52 -20.37 -3.55
C GLU B 31 -2.31 -19.60 -2.48
N MET B 32 -1.96 -19.78 -1.21
CA MET B 32 -2.68 -19.07 -0.16
C MET B 32 -1.74 -18.43 0.84
N THR B 33 -2.29 -17.58 1.69
CA THR B 33 -1.52 -17.06 2.82
C THR B 33 -2.21 -17.56 4.10
N VAL B 34 -1.42 -18.19 4.96
CA VAL B 34 -1.94 -18.82 6.16
C VAL B 34 -1.53 -18.24 7.50
N CYS B 35 -2.47 -18.24 8.44
CA CYS B 35 -2.24 -17.73 9.80
C CYS B 35 -2.85 -18.65 10.83
N VAL B 36 -2.01 -19.14 11.73
CA VAL B 36 -2.42 -20.07 12.78
C VAL B 36 -2.13 -19.46 14.15
N LEU B 37 -3.16 -19.40 15.01
CA LEU B 37 -2.98 -18.85 16.36
C LEU B 37 -3.43 -19.89 17.38
N LEU B 38 -2.58 -20.18 18.36
CA LEU B 38 -2.86 -21.19 19.36
C LEU B 38 -3.33 -20.58 20.69
N GLU B 39 -4.15 -21.34 21.40
CA GLU B 39 -4.67 -20.98 22.72
C GLU B 39 -4.55 -22.23 23.61
N GLY B 40 -4.32 -22.05 24.91
CA GLY B 40 -4.17 -23.21 25.80
C GLY B 40 -3.59 -22.88 27.15
N GLU B 41 -2.94 -23.86 27.77
CA GLU B 41 -2.34 -23.64 29.07
C GLU B 41 -0.93 -23.12 28.84
N ILE B 42 -0.88 -21.84 28.49
CA ILE B 42 0.38 -21.19 28.15
C ILE B 42 0.59 -19.90 28.93
N GLU B 43 -0.10 -19.75 30.08
CA GLU B 43 0.07 -18.52 30.87
C GLU B 43 1.47 -18.29 31.36
N THR B 44 2.03 -19.32 31.95
CA THR B 44 3.35 -19.24 32.50
C THR B 44 4.45 -18.75 31.57
N SER B 45 4.19 -18.74 30.27
CA SER B 45 5.16 -18.19 29.33
C SER B 45 5.13 -16.67 29.55
N TYR B 46 3.96 -16.18 29.97
CA TYR B 46 3.73 -14.76 30.22
C TYR B 46 4.13 -14.30 31.62
N THR B 47 3.81 -15.13 32.59
CA THR B 47 4.05 -14.82 33.99
C THR B 47 5.38 -15.26 34.58
N LYS B 48 5.91 -16.38 34.13
CA LYS B 48 7.17 -16.86 34.65
C LYS B 48 8.20 -17.11 33.56
N ALA B 49 7.97 -16.50 32.39
CA ALA B 49 8.88 -16.63 31.24
C ALA B 49 9.27 -18.07 31.02
N ASP B 50 8.26 -18.94 31.12
CA ASP B 50 8.45 -20.36 30.92
C ASP B 50 8.24 -20.68 29.44
N ASN B 51 9.28 -21.10 28.74
CA ASN B 51 9.12 -21.44 27.32
C ASN B 51 8.85 -22.90 27.09
N SER B 52 8.77 -23.66 28.16
CA SER B 52 8.57 -25.08 28.02
C SER B 52 7.18 -25.41 27.45
N VAL B 53 6.25 -24.48 27.66
CA VAL B 53 4.88 -24.65 27.21
C VAL B 53 4.69 -24.02 25.84
N ILE B 54 5.79 -23.61 25.24
CA ILE B 54 5.68 -22.96 23.97
C ILE B 54 6.12 -23.80 22.80
N VAL B 55 5.18 -24.01 21.90
CA VAL B 55 5.42 -24.61 20.62
C VAL B 55 5.93 -23.43 19.78
N ALA B 56 7.18 -23.50 19.32
CA ALA B 56 7.77 -22.40 18.55
C ALA B 56 6.92 -22.02 17.33
N THR B 57 6.81 -20.71 17.07
CA THR B 57 6.09 -20.26 15.89
C THR B 57 6.76 -20.86 14.64
N ASP B 58 8.09 -20.85 14.61
CA ASP B 58 8.80 -21.47 13.50
C ASP B 58 8.30 -22.89 13.20
N SER B 59 7.96 -23.65 14.24
CA SER B 59 7.51 -25.01 14.08
C SER B 59 6.09 -25.04 13.55
N ILE B 60 5.29 -24.07 13.97
CA ILE B 60 3.95 -23.92 13.46
C ILE B 60 4.04 -23.68 11.96
N LYS B 61 5.09 -23.00 11.51
CA LYS B 61 5.30 -22.75 10.10
C LYS B 61 5.65 -24.07 9.43
N ASN B 62 6.61 -24.79 9.98
CA ASN B 62 6.98 -26.09 9.43
C ASN B 62 5.72 -26.95 9.28
N THR B 63 4.95 -27.02 10.35
CA THR B 63 3.72 -27.80 10.37
C THR B 63 2.77 -27.47 9.22
N ILE B 64 2.61 -26.18 8.92
CA ILE B 64 1.76 -25.79 7.80
C ILE B 64 2.29 -26.37 6.50
N TYR B 65 3.60 -26.33 6.30
CA TYR B 65 4.21 -26.86 5.08
C TYR B 65 4.03 -28.35 4.97
N ILE B 66 4.20 -29.05 6.09
CA ILE B 66 4.09 -30.51 6.12
C ILE B 66 2.68 -30.99 5.97
N THR B 67 1.75 -30.31 6.62
CA THR B 67 0.35 -30.66 6.48
C THR B 67 -0.14 -30.52 5.04
N ALA B 68 0.26 -29.43 4.40
CA ALA B 68 -0.12 -29.15 3.03
C ALA B 68 0.50 -30.18 2.11
N LYS B 69 1.66 -30.72 2.49
CA LYS B 69 2.30 -31.72 1.65
C LYS B 69 1.52 -33.04 1.68
N GLN B 70 1.03 -33.40 2.87
CA GLN B 70 0.34 -34.66 3.05
C GLN B 70 -1.17 -34.64 3.00
N ASN B 71 -1.76 -33.50 2.67
CA ASN B 71 -3.21 -33.40 2.60
C ASN B 71 -3.69 -32.49 1.46
N PRO B 72 -4.97 -32.59 1.15
CA PRO B 72 -5.58 -31.72 0.15
C PRO B 72 -5.65 -30.27 0.68
N VAL B 73 -5.16 -29.29 -0.09
CA VAL B 73 -5.26 -27.91 0.37
C VAL B 73 -6.55 -27.28 -0.13
N THR B 74 -7.46 -28.09 -0.68
CA THR B 74 -8.72 -27.55 -1.20
C THR B 74 -9.83 -28.58 -0.96
N PRO B 75 -11.03 -28.14 -0.52
CA PRO B 75 -11.30 -26.70 -0.32
C PRO B 75 -10.51 -26.18 0.87
N PRO B 76 -10.34 -24.86 0.97
CA PRO B 76 -9.67 -24.29 2.12
C PRO B 76 -10.36 -24.72 3.43
N GLU B 77 -11.70 -24.79 3.44
CA GLU B 77 -12.45 -25.20 4.64
C GLU B 77 -11.99 -26.55 5.17
N LEU B 78 -11.60 -27.45 4.27
CA LEU B 78 -11.10 -28.73 4.71
C LEU B 78 -9.70 -28.55 5.28
N PHE B 79 -8.83 -27.97 4.49
CA PHE B 79 -7.46 -27.79 4.89
C PHE B 79 -7.32 -27.11 6.27
N GLY B 80 -8.07 -26.03 6.48
CA GLY B 80 -8.06 -25.32 7.77
C GLY B 80 -8.51 -26.25 8.91
N SER B 81 -9.56 -27.05 8.66
CA SER B 81 -10.02 -28.03 9.65
C SER B 81 -8.90 -29.01 9.98
N ILE B 82 -8.31 -29.61 8.96
CA ILE B 82 -7.26 -30.60 9.18
C ILE B 82 -6.12 -30.03 9.99
N LEU B 83 -5.75 -28.80 9.65
CA LEU B 83 -4.64 -28.12 10.27
C LEU B 83 -4.90 -27.72 11.71
N GLY B 84 -6.04 -27.11 11.99
CA GLY B 84 -6.34 -26.73 13.36
C GLY B 84 -6.55 -27.93 14.27
N THR B 85 -7.04 -29.02 13.70
CA THR B 85 -7.30 -30.23 14.46
C THR B 85 -5.97 -30.82 14.89
N HIS B 86 -5.03 -30.81 13.97
CA HIS B 86 -3.70 -31.31 14.29
C HIS B 86 -3.09 -30.70 15.55
N PHE B 87 -3.37 -29.42 15.77
CA PHE B 87 -2.74 -28.73 16.89
C PHE B 87 -3.32 -29.15 18.21
N ILE B 88 -4.63 -29.22 18.32
CA ILE B 88 -5.26 -29.67 19.56
C ILE B 88 -4.99 -31.15 19.87
N GLU B 89 -4.83 -31.96 18.82
CA GLU B 89 -4.64 -33.39 18.98
C GLU B 89 -3.23 -33.78 19.32
N LYS B 90 -2.26 -33.01 18.84
CA LYS B 90 -0.86 -33.36 19.09
C LYS B 90 -0.21 -32.79 20.37
N TYR B 91 -0.90 -31.84 20.99
CA TYR B 91 -0.41 -31.14 22.18
C TYR B 91 -1.47 -31.12 23.28
N ASN B 92 -1.10 -31.64 24.44
CA ASN B 92 -2.02 -31.74 25.57
C ASN B 92 -2.39 -30.41 26.18
N HIS B 93 -1.60 -29.37 25.94
CA HIS B 93 -1.90 -28.07 26.55
C HIS B 93 -2.54 -27.04 25.61
N ILE B 94 -2.62 -27.42 24.34
CA ILE B 94 -3.29 -26.59 23.35
C ILE B 94 -4.72 -27.07 23.32
N HIS B 95 -5.62 -26.09 23.46
CA HIS B 95 -7.04 -26.35 23.53
C HIS B 95 -7.85 -25.70 22.41
N ALA B 96 -7.24 -24.76 21.70
CA ALA B 96 -7.92 -24.11 20.58
C ALA B 96 -6.92 -23.64 19.55
N ALA B 97 -7.27 -23.84 18.29
CA ALA B 97 -6.46 -23.39 17.17
C ALA B 97 -7.31 -22.54 16.25
N HIS B 98 -6.82 -21.40 15.87
CA HIS B 98 -7.57 -20.54 14.98
C HIS B 98 -6.79 -20.34 13.69
N VAL B 99 -7.32 -20.93 12.63
CA VAL B 99 -6.68 -20.91 11.31
C VAL B 99 -7.38 -19.96 10.37
N ASN B 100 -6.61 -19.08 9.73
CA ASN B 100 -7.14 -18.15 8.73
C ASN B 100 -6.45 -18.39 7.42
N ILE B 101 -7.26 -18.60 6.40
CA ILE B 101 -6.71 -18.82 5.07
C ILE B 101 -7.26 -17.85 4.03
N VAL B 102 -6.32 -17.29 3.27
CA VAL B 102 -6.64 -16.40 2.18
C VAL B 102 -6.18 -17.05 0.89
N CYS B 103 -7.11 -17.27 -0.02
CA CYS B 103 -6.74 -17.92 -1.24
C CYS B 103 -6.69 -16.93 -2.37
N HIS B 104 -5.53 -16.90 -3.05
CA HIS B 104 -5.30 -16.01 -4.20
C HIS B 104 -5.62 -16.70 -5.52
N ARG B 105 -6.07 -15.90 -6.48
CA ARG B 105 -6.53 -16.44 -7.77
C ARG B 105 -5.39 -16.76 -8.72
N TRP B 106 -5.39 -17.98 -9.25
CA TRP B 106 -4.41 -18.32 -10.28
C TRP B 106 -5.19 -19.00 -11.38
N THR B 107 -5.93 -18.16 -12.10
CA THR B 107 -6.80 -18.57 -13.17
C THR B 107 -6.10 -19.18 -14.38
N ARG B 108 -6.58 -20.32 -14.87
CA ARG B 108 -5.94 -20.93 -16.02
C ARG B 108 -6.13 -20.04 -17.23
N MET B 109 -5.06 -19.94 -18.03
CA MET B 109 -5.07 -19.10 -19.22
C MET B 109 -5.75 -19.84 -20.38
N ASP B 110 -6.50 -19.08 -21.18
CA ASP B 110 -7.09 -19.59 -22.41
C ASP B 110 -6.24 -19.05 -23.56
N ILE B 111 -5.50 -19.94 -24.23
CA ILE B 111 -4.63 -19.56 -25.34
C ILE B 111 -5.27 -20.16 -26.58
N ASP B 112 -5.72 -19.31 -27.49
CA ASP B 112 -6.32 -19.79 -28.75
C ASP B 112 -7.63 -20.54 -28.47
N GLY B 113 -8.35 -20.11 -27.44
CA GLY B 113 -9.64 -20.70 -27.08
C GLY B 113 -9.56 -22.00 -26.29
N LYS B 114 -8.36 -22.54 -26.12
CA LYS B 114 -8.23 -23.76 -25.35
C LYS B 114 -7.50 -23.46 -24.05
N PRO B 115 -7.90 -24.16 -22.98
CA PRO B 115 -7.31 -24.01 -21.66
C PRO B 115 -5.88 -24.57 -21.60
N HIS B 116 -4.96 -23.72 -21.20
CA HIS B 116 -3.59 -24.16 -21.11
C HIS B 116 -3.29 -25.10 -19.94
N PRO B 117 -2.71 -26.24 -20.25
CA PRO B 117 -2.33 -27.17 -19.21
C PRO B 117 -1.61 -26.62 -17.96
N HIS B 118 -0.70 -25.65 -18.11
CA HIS B 118 0.06 -25.22 -16.97
C HIS B 118 0.40 -23.73 -16.92
N SER B 119 -0.51 -22.88 -17.37
CA SER B 119 -0.23 -21.44 -17.34
C SER B 119 -1.37 -20.67 -16.75
N PHE B 120 -1.04 -19.87 -15.73
CA PHE B 120 -2.06 -19.11 -15.02
C PHE B 120 -1.92 -17.59 -15.01
N ILE B 121 -3.05 -16.93 -14.78
CA ILE B 121 -3.10 -15.48 -14.70
C ILE B 121 -3.79 -15.04 -13.40
N ARG B 122 -3.24 -14.02 -12.76
CA ARG B 122 -3.86 -13.50 -11.55
C ARG B 122 -4.98 -12.59 -12.04
N ASP B 123 -6.14 -13.20 -12.30
CA ASP B 123 -7.22 -12.51 -12.96
C ASP B 123 -8.03 -11.57 -12.14
N SER B 124 -7.60 -11.33 -10.91
CA SER B 124 -8.27 -10.37 -10.03
C SER B 124 -7.72 -10.36 -8.62
N GLU B 125 -7.91 -9.24 -7.94
CA GLU B 125 -7.44 -9.17 -6.59
C GLU B 125 -8.45 -9.71 -5.56
N GLU B 126 -9.53 -10.29 -6.06
CA GLU B 126 -10.57 -10.86 -5.22
C GLU B 126 -9.95 -12.04 -4.49
N LYS B 127 -10.42 -12.28 -3.28
CA LYS B 127 -9.96 -13.41 -2.48
C LYS B 127 -11.07 -14.28 -1.93
N ARG B 128 -10.75 -15.55 -1.70
CA ARG B 128 -11.68 -16.51 -1.09
C ARG B 128 -11.02 -16.87 0.20
N ASN B 129 -11.70 -16.60 1.31
CA ASN B 129 -11.13 -16.89 2.61
C ASN B 129 -11.95 -17.81 3.52
N VAL B 130 -11.27 -18.40 4.51
CA VAL B 130 -11.90 -19.19 5.57
C VAL B 130 -11.21 -18.89 6.92
N GLN B 131 -12.03 -18.85 7.96
CA GLN B 131 -11.56 -18.65 9.31
C GLN B 131 -12.15 -19.85 10.02
N VAL B 132 -11.27 -20.79 10.36
CA VAL B 132 -11.65 -22.02 11.03
C VAL B 132 -11.22 -21.98 12.51
N ASP B 133 -12.18 -22.17 13.42
CA ASP B 133 -11.89 -22.18 14.85
C ASP B 133 -12.12 -23.55 15.41
N VAL B 134 -11.05 -24.28 15.72
CA VAL B 134 -11.19 -25.61 16.27
C VAL B 134 -10.90 -25.59 17.76
N VAL B 135 -11.96 -25.74 18.55
CA VAL B 135 -11.86 -25.71 20.00
C VAL B 135 -12.09 -27.08 20.63
N GLU B 136 -11.28 -27.43 21.64
CA GLU B 136 -11.39 -28.76 22.23
C GLU B 136 -12.74 -29.00 22.88
N GLY B 137 -13.36 -30.10 22.50
CA GLY B 137 -14.66 -30.45 23.02
C GLY B 137 -15.69 -29.36 22.71
N LYS B 138 -15.56 -28.72 21.56
CA LYS B 138 -16.54 -27.72 21.14
C LYS B 138 -16.73 -27.73 19.64
N GLY B 139 -16.03 -28.63 18.97
CA GLY B 139 -16.19 -28.86 17.55
C GLY B 139 -15.39 -27.93 16.67
N ILE B 140 -15.89 -27.73 15.46
CA ILE B 140 -15.24 -26.88 14.49
C ILE B 140 -16.17 -25.83 13.92
N ASP B 141 -15.76 -24.58 14.07
CA ASP B 141 -16.54 -23.45 13.59
C ASP B 141 -15.87 -22.85 12.36
N ILE B 142 -16.61 -22.83 11.25
CA ILE B 142 -16.09 -22.35 9.97
C ILE B 142 -16.83 -21.14 9.41
N LYS B 143 -16.11 -20.05 9.15
CA LYS B 143 -16.70 -18.89 8.50
C LYS B 143 -16.01 -18.85 7.14
N SER B 144 -16.80 -18.82 6.07
CA SER B 144 -16.29 -18.77 4.71
C SER B 144 -16.60 -17.40 4.18
N SER B 145 -15.82 -16.95 3.22
CA SER B 145 -16.09 -15.64 2.66
C SER B 145 -15.37 -15.33 1.38
N LEU B 146 -15.88 -14.28 0.75
CA LEU B 146 -15.27 -13.74 -0.43
C LEU B 146 -15.04 -12.26 -0.15
N SER B 147 -13.92 -11.72 -0.58
CA SER B 147 -13.68 -10.32 -0.35
C SER B 147 -12.90 -9.74 -1.49
N GLY B 148 -12.89 -8.42 -1.63
CA GLY B 148 -12.15 -7.81 -2.71
C GLY B 148 -12.85 -7.87 -4.05
N LEU B 149 -14.17 -8.06 -4.01
CA LEU B 149 -15.00 -8.05 -5.21
C LEU B 149 -15.45 -6.61 -5.47
N THR B 150 -14.91 -5.96 -6.50
CA THR B 150 -15.27 -4.56 -6.78
C THR B 150 -16.18 -4.44 -7.99
N VAL B 151 -17.34 -3.84 -7.77
CA VAL B 151 -18.36 -3.70 -8.80
C VAL B 151 -18.88 -2.27 -8.95
N LEU B 152 -19.40 -1.96 -10.13
CA LEU B 152 -20.02 -0.65 -10.41
C LEU B 152 -21.14 -0.86 -11.43
N LYS B 153 -22.23 -0.12 -11.22
CA LYS B 153 -23.38 -0.08 -12.12
C LYS B 153 -23.66 1.40 -12.36
N SER B 154 -23.74 1.75 -13.63
CA SER B 154 -23.86 3.14 -14.07
C SER B 154 -25.20 3.83 -13.87
N THR B 155 -26.22 3.03 -13.56
CA THR B 155 -27.57 3.55 -13.42
C THR B 155 -28.39 2.48 -12.72
N ASN B 156 -29.69 2.72 -12.55
CA ASN B 156 -30.55 1.74 -11.89
C ASN B 156 -30.17 1.67 -10.41
N SER B 157 -30.15 2.84 -9.80
CA SER B 157 -29.85 2.96 -8.37
C SER B 157 -30.29 4.33 -7.98
N GLN B 158 -31.06 4.41 -6.91
CA GLN B 158 -31.56 5.70 -6.46
C GLN B 158 -31.40 5.87 -4.97
N PHE B 159 -31.53 7.11 -4.51
CA PHE B 159 -31.48 7.38 -3.11
C PHE B 159 -32.26 8.64 -2.75
N TRP B 160 -33.46 8.39 -2.23
CA TRP B 160 -34.41 9.42 -1.83
C TRP B 160 -35.24 8.85 -0.67
N GLY B 161 -35.99 9.73 -0.03
CA GLY B 161 -36.85 9.32 1.07
C GLY B 161 -36.13 9.12 2.39
N PHE B 162 -34.88 9.60 2.48
CA PHE B 162 -34.12 9.49 3.72
C PHE B 162 -34.45 10.68 4.59
N LEU B 163 -34.15 10.53 5.88
CA LEU B 163 -34.44 11.55 6.88
C LEU B 163 -33.75 12.84 6.53
N ARG B 164 -34.43 13.96 6.77
CA ARG B 164 -33.84 15.25 6.49
C ARG B 164 -33.99 16.17 7.69
N ASP B 165 -32.88 16.74 8.13
CA ASP B 165 -32.89 17.71 9.23
C ASP B 165 -31.91 18.82 8.98
N GLU B 166 -31.53 19.52 10.04
CA GLU B 166 -30.61 20.66 9.93
C GLU B 166 -29.15 20.25 9.71
N TYR B 167 -28.92 18.96 9.46
CA TYR B 167 -27.60 18.41 9.20
C TYR B 167 -27.59 17.87 7.78
N THR B 168 -28.73 17.98 7.11
CA THR B 168 -28.86 17.38 5.78
C THR B 168 -28.59 18.38 4.65
N THR B 169 -27.92 17.95 3.58
CA THR B 169 -27.67 18.85 2.46
C THR B 169 -27.76 18.00 1.21
N LEU B 170 -27.64 16.69 1.40
CA LEU B 170 -27.74 15.76 0.28
C LEU B 170 -29.09 15.92 -0.45
N LYS B 171 -29.07 15.98 -1.77
CA LYS B 171 -30.29 16.11 -2.56
C LYS B 171 -30.78 14.72 -2.90
N GLU B 172 -32.09 14.59 -3.09
CA GLU B 172 -32.67 13.28 -3.45
C GLU B 172 -32.35 12.93 -4.91
N THR B 173 -32.29 11.67 -5.25
CA THR B 173 -31.96 11.36 -6.63
C THR B 173 -32.59 10.08 -7.07
N TRP B 174 -32.95 10.04 -8.35
CA TRP B 174 -33.60 8.87 -8.93
C TRP B 174 -32.74 8.13 -9.96
N ASP B 175 -31.52 8.62 -10.12
CA ASP B 175 -30.50 8.00 -10.96
C ASP B 175 -29.15 8.37 -10.37
N ARG B 176 -28.37 7.34 -10.12
CA ARG B 176 -27.04 7.55 -9.58
C ARG B 176 -26.18 6.33 -9.89
N ILE B 177 -24.86 6.51 -9.73
CA ILE B 177 -23.91 5.41 -9.91
C ILE B 177 -23.74 4.72 -8.59
N LEU B 178 -23.61 3.41 -8.63
CA LEU B 178 -23.40 2.65 -7.40
C LEU B 178 -22.23 1.71 -7.58
N SER B 179 -21.19 1.99 -6.78
CA SER B 179 -19.99 1.16 -6.83
C SER B 179 -19.55 0.82 -5.41
N THR B 180 -19.13 -0.43 -5.22
CA THR B 180 -18.76 -0.88 -3.88
C THR B 180 -17.79 -2.06 -3.96
N ASP B 181 -17.11 -2.33 -2.84
CA ASP B 181 -16.28 -3.49 -2.70
C ASP B 181 -17.17 -4.46 -1.93
N VAL B 182 -17.16 -5.74 -2.27
CA VAL B 182 -18.02 -6.60 -1.52
C VAL B 182 -17.26 -7.54 -0.63
N ASP B 183 -17.72 -7.60 0.60
CA ASP B 183 -17.17 -8.52 1.59
C ASP B 183 -18.36 -9.36 2.10
N ALA B 184 -18.40 -10.63 1.71
CA ALA B 184 -19.53 -11.47 2.09
C ALA B 184 -19.14 -12.74 2.83
N THR B 185 -19.69 -12.90 4.02
CA THR B 185 -19.31 -14.01 4.88
C THR B 185 -20.48 -14.89 5.25
N TRP B 186 -20.31 -16.20 5.04
CA TRP B 186 -21.33 -17.14 5.45
C TRP B 186 -20.82 -18.14 6.50
N GLN B 187 -21.47 -18.14 7.66
CA GLN B 187 -21.12 -19.02 8.76
C GLN B 187 -21.85 -20.38 8.70
N TRP B 188 -21.08 -21.46 8.75
CA TRP B 188 -21.65 -22.78 8.71
C TRP B 188 -22.09 -23.16 10.11
N LYS B 189 -22.98 -24.15 10.17
CA LYS B 189 -23.46 -24.69 11.43
C LYS B 189 -22.28 -25.43 12.10
N ASN B 190 -22.21 -25.44 13.43
CA ASN B 190 -21.05 -26.14 14.03
C ASN B 190 -20.85 -27.58 13.54
N PHE B 191 -19.61 -28.01 13.34
CA PHE B 191 -19.35 -29.41 12.94
C PHE B 191 -18.72 -30.14 14.13
N SER B 192 -19.12 -31.38 14.33
CA SER B 192 -18.66 -32.14 15.47
C SER B 192 -17.16 -32.43 15.47
N GLY B 193 -16.57 -32.56 14.30
CA GLY B 193 -15.15 -32.91 14.21
C GLY B 193 -14.76 -33.11 12.76
N LEU B 194 -13.50 -33.45 12.49
CA LEU B 194 -13.04 -33.62 11.12
C LEU B 194 -13.98 -34.46 10.24
N GLN B 195 -14.46 -35.59 10.75
CA GLN B 195 -15.30 -36.49 9.93
C GLN B 195 -16.52 -35.78 9.36
N GLU B 196 -17.24 -35.07 10.23
CA GLU B 196 -18.41 -34.34 9.80
C GLU B 196 -18.04 -33.40 8.68
N VAL B 197 -16.87 -32.81 8.80
CA VAL B 197 -16.41 -31.88 7.80
C VAL B 197 -16.10 -32.55 6.48
N ARG B 198 -15.44 -33.69 6.53
CA ARG B 198 -15.09 -34.39 5.31
C ARG B 198 -16.36 -34.79 4.60
N SER B 199 -17.36 -35.14 5.39
CA SER B 199 -18.62 -35.56 4.84
C SER B 199 -19.23 -34.51 3.96
N HIS B 200 -19.10 -33.25 4.35
CA HIS B 200 -19.69 -32.14 3.61
C HIS B 200 -18.84 -31.43 2.56
N VAL B 201 -17.66 -31.94 2.30
CA VAL B 201 -16.73 -31.32 1.34
C VAL B 201 -17.29 -30.69 0.04
N PRO B 202 -18.24 -31.36 -0.62
CA PRO B 202 -18.70 -30.82 -1.89
C PRO B 202 -19.52 -29.59 -1.69
N LYS B 203 -20.11 -29.43 -0.51
CA LYS B 203 -20.94 -28.25 -0.23
C LYS B 203 -20.15 -26.95 -0.23
N PHE B 204 -18.85 -27.10 -0.02
CA PHE B 204 -17.95 -25.97 0.15
C PHE B 204 -17.79 -25.13 -1.11
N ASP B 205 -17.10 -25.67 -2.12
CA ASP B 205 -16.94 -24.94 -3.39
C ASP B 205 -18.34 -24.51 -3.90
N ALA B 206 -19.28 -25.45 -3.99
CA ALA B 206 -20.65 -25.13 -4.39
C ALA B 206 -21.22 -23.84 -3.76
N THR B 207 -21.17 -23.77 -2.43
CA THR B 207 -21.73 -22.64 -1.71
C THR B 207 -21.00 -21.32 -2.04
N TRP B 208 -19.69 -21.45 -2.28
CA TRP B 208 -18.85 -20.30 -2.58
C TRP B 208 -19.39 -19.75 -3.89
N ALA B 209 -19.38 -20.65 -4.86
CA ALA B 209 -19.87 -20.38 -6.17
C ALA B 209 -21.23 -19.70 -6.09
N THR B 210 -22.13 -20.31 -5.34
CA THR B 210 -23.48 -19.80 -5.23
C THR B 210 -23.51 -18.37 -4.70
N ALA B 211 -22.82 -18.17 -3.59
CA ALA B 211 -22.70 -16.86 -2.95
C ALA B 211 -22.20 -15.78 -3.91
N ARG B 212 -21.17 -16.11 -4.71
CA ARG B 212 -20.61 -15.21 -5.70
C ARG B 212 -21.68 -14.81 -6.70
N GLU B 213 -22.24 -15.82 -7.37
CA GLU B 213 -23.28 -15.68 -8.38
C GLU B 213 -24.46 -14.80 -7.90
N VAL B 214 -25.01 -15.16 -6.75
CA VAL B 214 -26.12 -14.43 -6.15
C VAL B 214 -25.77 -12.96 -6.04
N THR B 215 -24.58 -12.68 -5.49
CA THR B 215 -24.11 -11.31 -5.25
C THR B 215 -24.03 -10.50 -6.55
N LEU B 216 -23.29 -11.03 -7.52
CA LEU B 216 -23.20 -10.42 -8.84
C LEU B 216 -24.61 -10.22 -9.49
N LYS B 217 -25.35 -11.30 -9.75
CA LYS B 217 -26.70 -11.18 -10.33
C LYS B 217 -27.61 -10.18 -9.62
N THR B 218 -27.70 -10.27 -8.29
CA THR B 218 -28.56 -9.37 -7.51
C THR B 218 -28.15 -7.92 -7.59
N PHE B 219 -26.85 -7.72 -7.68
CA PHE B 219 -26.33 -6.36 -7.73
C PHE B 219 -26.67 -5.70 -9.07
N ALA B 220 -26.52 -6.49 -10.13
CA ALA B 220 -26.79 -6.11 -11.51
C ALA B 220 -28.28 -5.85 -11.74
N GLU B 221 -29.11 -6.83 -11.36
CA GLU B 221 -30.53 -6.78 -11.63
C GLU B 221 -31.36 -5.91 -10.70
N ASP B 222 -30.98 -5.81 -9.44
CA ASP B 222 -31.79 -5.02 -8.50
C ASP B 222 -31.81 -3.53 -8.81
N ASN B 223 -33.00 -2.96 -9.00
CA ASN B 223 -33.09 -1.52 -9.23
C ASN B 223 -33.60 -0.90 -7.94
N SER B 224 -32.70 -0.71 -6.98
CA SER B 224 -33.14 -0.26 -5.65
C SER B 224 -32.79 1.14 -5.21
N ALA B 225 -33.50 1.61 -4.17
CA ALA B 225 -33.25 2.90 -3.54
C ALA B 225 -32.71 2.62 -2.15
N SER B 226 -32.19 1.40 -1.96
CA SER B 226 -31.60 0.98 -0.69
C SER B 226 -30.45 0.00 -0.89
N VAL B 227 -29.24 0.35 -0.51
CA VAL B 227 -28.18 -0.64 -0.61
C VAL B 227 -28.55 -1.71 0.40
N GLN B 228 -29.04 -1.27 1.56
CA GLN B 228 -29.49 -2.15 2.63
C GLN B 228 -30.48 -3.14 2.07
N ALA B 229 -31.46 -2.62 1.35
CA ALA B 229 -32.44 -3.49 0.74
C ALA B 229 -31.78 -4.53 -0.19
N THR B 230 -30.76 -4.14 -0.93
CA THR B 230 -30.12 -5.06 -1.86
C THR B 230 -29.35 -6.16 -1.15
N MET B 231 -28.58 -5.76 -0.15
CA MET B 231 -27.77 -6.71 0.59
C MET B 231 -28.70 -7.77 1.15
N TYR B 232 -29.73 -7.32 1.84
CA TYR B 232 -30.70 -8.23 2.44
C TYR B 232 -31.25 -9.28 1.47
N LYS B 233 -31.46 -8.88 0.21
CA LYS B 233 -32.00 -9.77 -0.81
C LYS B 233 -30.97 -10.86 -1.05
N MET B 234 -29.72 -10.42 -1.14
CA MET B 234 -28.57 -11.29 -1.34
C MET B 234 -28.56 -12.37 -0.23
N ALA B 235 -28.58 -11.89 1.01
CA ALA B 235 -28.56 -12.76 2.18
C ALA B 235 -29.58 -13.87 2.05
N GLU B 236 -30.84 -13.45 1.94
CA GLU B 236 -31.98 -14.34 1.85
C GLU B 236 -31.72 -15.49 0.89
N GLN B 237 -31.27 -15.15 -0.30
CA GLN B 237 -31.08 -16.14 -1.32
C GLN B 237 -30.05 -17.18 -0.94
N ILE B 238 -29.00 -16.71 -0.30
CA ILE B 238 -27.94 -17.60 0.09
C ILE B 238 -28.45 -18.56 1.15
N LEU B 239 -29.13 -18.00 2.16
CA LEU B 239 -29.70 -18.81 3.23
C LEU B 239 -30.68 -19.84 2.66
N ALA B 240 -31.45 -19.38 1.67
CA ALA B 240 -32.43 -20.24 1.02
C ALA B 240 -31.77 -21.38 0.31
N ARG B 241 -30.67 -21.13 -0.38
CA ARG B 241 -30.03 -22.16 -1.16
C ARG B 241 -29.12 -23.15 -0.40
N GLN B 242 -28.85 -22.90 0.87
CA GLN B 242 -27.98 -23.79 1.64
C GLN B 242 -28.40 -23.84 3.10
N GLN B 243 -28.98 -24.97 3.48
CA GLN B 243 -29.50 -25.13 4.81
C GLN B 243 -28.40 -25.16 5.91
N LEU B 244 -27.21 -25.65 5.56
CA LEU B 244 -26.09 -25.78 6.49
C LEU B 244 -25.46 -24.49 6.94
N ILE B 245 -25.92 -23.37 6.40
CA ILE B 245 -25.38 -22.05 6.77
C ILE B 245 -26.30 -21.49 7.86
N GLU B 246 -25.73 -20.89 8.89
CA GLU B 246 -26.55 -20.32 9.94
C GLU B 246 -26.79 -18.83 9.76
N THR B 247 -25.73 -18.11 9.41
CA THR B 247 -25.82 -16.67 9.12
C THR B 247 -25.05 -16.24 7.85
N VAL B 248 -25.46 -15.11 7.30
CA VAL B 248 -24.77 -14.52 6.16
C VAL B 248 -24.54 -13.09 6.59
N GLU B 249 -23.38 -12.56 6.26
CA GLU B 249 -23.02 -11.22 6.65
C GLU B 249 -22.40 -10.47 5.48
N TYR B 250 -22.85 -9.23 5.29
CA TYR B 250 -22.39 -8.39 4.19
C TYR B 250 -21.89 -7.06 4.64
N SER B 251 -20.68 -6.73 4.20
CA SER B 251 -20.10 -5.43 4.42
C SER B 251 -19.84 -4.79 3.06
N LEU B 252 -20.52 -3.68 2.81
CA LEU B 252 -20.31 -2.96 1.59
C LEU B 252 -19.86 -1.54 1.91
N PRO B 253 -18.63 -1.21 1.51
CA PRO B 253 -18.11 0.14 1.59
C PRO B 253 -18.50 0.85 0.30
N ASN B 254 -19.29 1.90 0.42
CA ASN B 254 -19.75 2.57 -0.75
C ASN B 254 -18.99 3.73 -1.40
N LYS B 255 -18.28 3.39 -2.48
CA LYS B 255 -17.46 4.32 -3.21
C LYS B 255 -18.29 5.34 -3.99
N HIS B 256 -18.12 6.64 -3.71
CA HIS B 256 -18.95 7.65 -4.35
C HIS B 256 -18.36 8.26 -5.59
N TYR B 257 -19.21 8.65 -6.52
CA TYR B 257 -18.79 9.37 -7.72
C TYR B 257 -19.61 10.63 -7.76
N PHE B 258 -18.94 11.77 -7.77
CA PHE B 258 -19.65 13.04 -7.72
C PHE B 258 -19.88 13.64 -9.07
N GLU B 259 -20.97 14.38 -9.19
CA GLU B 259 -21.27 15.11 -10.42
C GLU B 259 -20.38 16.37 -10.43
N ILE B 260 -19.92 16.78 -11.61
CA ILE B 260 -19.06 17.97 -11.70
C ILE B 260 -19.82 19.05 -12.47
N ASP B 261 -20.21 20.12 -11.78
CA ASP B 261 -20.96 21.22 -12.42
C ASP B 261 -20.04 22.05 -13.31
N LEU B 262 -20.26 22.02 -14.62
CA LEU B 262 -19.36 22.73 -15.53
C LEU B 262 -20.07 23.89 -16.18
N SER B 263 -21.20 24.27 -15.59
CA SER B 263 -22.02 25.37 -16.14
C SER B 263 -21.25 26.70 -16.16
N TRP B 264 -20.43 26.93 -15.14
CA TRP B 264 -19.63 28.14 -15.07
C TRP B 264 -18.76 28.33 -16.32
N HIS B 265 -18.61 27.31 -17.13
CA HIS B 265 -17.74 27.44 -18.30
C HIS B 265 -18.55 27.31 -19.56
N LYS B 266 -18.88 28.46 -20.18
CA LYS B 266 -19.66 28.47 -21.43
C LYS B 266 -20.99 27.70 -21.26
N GLY B 267 -21.59 27.86 -20.08
CA GLY B 267 -22.81 27.16 -19.69
C GLY B 267 -22.83 25.66 -20.05
N LEU B 268 -21.72 24.98 -19.81
CA LEU B 268 -21.59 23.56 -20.12
C LEU B 268 -22.58 22.74 -19.26
N GLN B 269 -23.34 21.85 -19.89
CA GLN B 269 -24.32 21.06 -19.15
C GLN B 269 -23.81 19.66 -18.78
N ASN B 270 -23.48 19.47 -17.51
CA ASN B 270 -22.94 18.17 -17.09
C ASN B 270 -23.57 17.51 -15.84
N THR B 271 -24.71 18.03 -15.41
CA THR B 271 -25.40 17.51 -14.24
C THR B 271 -26.77 16.95 -14.60
N GLY B 272 -27.39 16.30 -13.64
CA GLY B 272 -28.69 15.75 -13.87
C GLY B 272 -28.67 14.85 -15.10
N LYS B 273 -29.67 15.01 -15.95
CA LYS B 273 -29.83 14.15 -17.11
C LYS B 273 -28.64 14.23 -18.05
N ASN B 274 -27.89 15.33 -17.95
CA ASN B 274 -26.75 15.58 -18.82
C ASN B 274 -25.42 15.09 -18.28
N ALA B 275 -25.40 14.61 -17.05
CA ALA B 275 -24.14 14.18 -16.45
C ALA B 275 -23.47 13.09 -17.24
N GLU B 276 -22.20 13.31 -17.59
CA GLU B 276 -21.44 12.38 -18.38
C GLU B 276 -20.09 12.13 -17.70
N VAL B 277 -19.47 13.24 -17.24
CA VAL B 277 -18.17 13.23 -16.57
C VAL B 277 -18.38 13.38 -15.06
N PHE B 278 -17.80 12.47 -14.29
CA PHE B 278 -17.90 12.52 -12.84
C PHE B 278 -16.53 12.40 -12.22
N ALA B 279 -16.42 12.88 -10.98
CA ALA B 279 -15.18 12.72 -10.20
C ALA B 279 -15.28 11.63 -9.12
N PRO B 280 -14.70 10.46 -9.38
CA PRO B 280 -14.68 9.40 -8.39
C PRO B 280 -14.01 9.92 -7.12
N GLN B 281 -14.60 9.67 -5.95
CA GLN B 281 -13.97 10.09 -4.69
C GLN B 281 -13.22 8.97 -3.97
N SER B 282 -12.03 9.29 -3.47
CA SER B 282 -11.22 8.30 -2.78
C SER B 282 -11.71 8.10 -1.36
N ASP B 283 -12.16 9.20 -0.75
CA ASP B 283 -12.77 9.21 0.57
C ASP B 283 -13.64 10.45 0.73
N PRO B 284 -14.52 10.49 1.72
CA PRO B 284 -14.80 9.36 2.58
C PRO B 284 -15.77 8.42 1.86
N ASN B 285 -16.26 7.43 2.58
CA ASN B 285 -17.15 6.51 1.94
C ASN B 285 -18.15 5.96 2.93
N GLY B 286 -19.35 5.69 2.44
CA GLY B 286 -20.39 5.09 3.25
C GLY B 286 -19.99 3.65 3.57
N LEU B 287 -20.49 3.14 4.67
CA LEU B 287 -20.20 1.78 5.06
C LEU B 287 -21.49 1.15 5.57
N ILE B 288 -21.95 0.11 4.89
CA ILE B 288 -23.17 -0.54 5.26
C ILE B 288 -22.90 -2.01 5.61
N LYS B 289 -23.34 -2.42 6.79
CA LYS B 289 -23.18 -3.80 7.20
C LYS B 289 -24.51 -4.39 7.64
N CYS B 290 -24.54 -5.73 7.71
CA CYS B 290 -25.69 -6.45 8.22
C CYS B 290 -25.46 -7.96 8.31
N THR B 291 -25.96 -8.56 9.39
CA THR B 291 -25.95 -9.99 9.53
C THR B 291 -27.37 -10.48 9.47
N VAL B 292 -27.63 -11.45 8.61
CA VAL B 292 -28.95 -12.00 8.47
C VAL B 292 -28.90 -13.50 8.77
N GLY B 293 -29.79 -13.92 9.65
CA GLY B 293 -29.90 -15.32 10.05
C GLY B 293 -31.33 -15.83 9.80
N ARG B 294 -31.61 -17.06 10.23
CA ARG B 294 -32.94 -17.63 10.01
C ARG B 294 -34.00 -17.24 11.05
N SER B 295 -35.22 -17.00 10.56
CA SER B 295 -36.33 -16.59 11.42
C SER B 295 -36.71 -17.65 12.46
N SER B 296 -37.03 -17.21 13.67
N ALA C 2 16.64 -5.56 -33.28
CA ALA C 2 17.89 -5.50 -32.55
C ALA C 2 17.68 -4.94 -31.15
N VAL C 3 18.56 -5.35 -30.24
CA VAL C 3 18.54 -4.95 -28.86
C VAL C 3 19.17 -3.57 -28.73
N LYS C 4 18.36 -2.55 -28.50
CA LYS C 4 18.87 -1.20 -28.34
C LYS C 4 19.34 -0.91 -26.93
N ALA C 5 18.78 -1.61 -25.95
CA ALA C 5 19.15 -1.46 -24.53
C ALA C 5 18.92 -2.76 -23.79
N ALA C 6 19.54 -2.94 -22.63
CA ALA C 6 19.37 -4.17 -21.83
C ALA C 6 20.07 -4.05 -20.48
N ARG C 7 19.30 -4.29 -19.40
CA ARG C 7 19.76 -4.27 -18.00
C ARG C 7 19.09 -5.44 -17.29
N TYR C 8 19.82 -6.11 -16.41
CA TYR C 8 19.16 -7.13 -15.59
C TYR C 8 19.87 -7.20 -14.24
N GLY C 9 19.20 -7.68 -13.21
CA GLY C 9 19.81 -7.68 -11.90
C GLY C 9 18.86 -8.14 -10.81
N LYS C 10 19.16 -7.71 -9.58
CA LYS C 10 18.37 -8.08 -8.42
C LYS C 10 17.85 -6.82 -7.74
N ASP C 11 16.55 -6.81 -7.50
CA ASP C 11 15.88 -5.70 -6.84
C ASP C 11 15.34 -6.15 -5.47
N ASN C 12 15.22 -5.20 -4.56
CA ASN C 12 14.65 -5.49 -3.25
C ASN C 12 15.46 -6.44 -2.38
N VAL C 13 16.76 -6.22 -2.37
CA VAL C 13 17.59 -7.03 -1.52
C VAL C 13 17.65 -6.33 -0.16
N ARG C 14 17.00 -6.90 0.87
CA ARG C 14 17.03 -6.25 2.17
C ARG C 14 18.29 -6.62 2.93
N VAL C 15 18.94 -5.61 3.51
CA VAL C 15 20.22 -5.84 4.16
C VAL C 15 20.31 -5.14 5.50
N TYR C 16 20.74 -5.86 6.53
CA TYR C 16 20.91 -5.25 7.83
C TYR C 16 22.30 -5.57 8.31
N LYS C 17 22.95 -4.55 8.90
CA LYS C 17 24.30 -4.69 9.42
C LYS C 17 24.44 -4.02 10.74
N VAL C 18 25.09 -4.73 11.65
CA VAL C 18 25.32 -4.26 13.00
C VAL C 18 26.80 -3.98 13.24
N HIS C 19 27.02 -2.89 13.99
CA HIS C 19 28.36 -2.53 14.35
C HIS C 19 28.40 -2.52 15.85
N LYS C 20 29.33 -3.30 16.41
CA LYS C 20 29.52 -3.32 17.83
C LYS C 20 30.82 -2.61 18.20
N ASP C 21 30.82 -1.89 19.33
CA ASP C 21 32.01 -1.23 19.86
C ASP C 21 32.33 -2.02 21.12
N GLU C 22 33.37 -2.84 21.09
CA GLU C 22 33.66 -3.72 22.22
C GLU C 22 34.00 -2.93 23.47
N LYS C 23 34.62 -1.77 23.28
CA LYS C 23 34.95 -0.89 24.39
C LYS C 23 33.67 -0.40 25.05
N THR C 24 33.05 0.62 24.44
CA THR C 24 31.85 1.25 24.94
C THR C 24 30.61 0.38 25.07
N GLY C 25 30.57 -0.72 24.32
CA GLY C 25 29.44 -1.62 24.36
C GLY C 25 28.23 -1.10 23.57
N VAL C 26 28.42 0.02 22.88
CA VAL C 26 27.36 0.59 22.07
C VAL C 26 27.25 -0.14 20.71
N GLN C 27 26.02 -0.34 20.27
CA GLN C 27 25.77 -1.02 19.02
C GLN C 27 25.02 -0.11 18.09
N THR C 28 25.40 -0.15 16.82
CA THR C 28 24.80 0.70 15.80
C THR C 28 24.22 -0.13 14.64
N VAL C 29 22.99 0.14 14.25
CA VAL C 29 22.41 -0.64 13.15
C VAL C 29 22.17 0.19 11.91
N TYR C 30 22.26 -0.54 10.80
CA TYR C 30 22.09 -0.03 9.44
C TYR C 30 21.20 -1.01 8.66
N GLU C 31 20.15 -0.48 8.03
CA GLU C 31 19.25 -1.35 7.27
C GLU C 31 18.87 -0.61 6.00
N MET C 32 19.15 -1.23 4.88
CA MET C 32 18.80 -0.64 3.62
C MET C 32 18.20 -1.68 2.70
N THR C 33 17.59 -1.18 1.62
CA THR C 33 17.12 -2.00 0.52
C THR C 33 17.94 -1.69 -0.74
N VAL C 34 18.44 -2.76 -1.34
CA VAL C 34 19.39 -2.65 -2.42
C VAL C 34 18.97 -3.27 -3.73
N CYS C 35 19.20 -2.51 -4.81
CA CYS C 35 18.96 -2.99 -6.16
C CYS C 35 20.19 -2.76 -7.00
N VAL C 36 20.58 -3.79 -7.75
CA VAL C 36 21.77 -3.69 -8.60
C VAL C 36 21.34 -4.13 -9.98
N LEU C 37 21.62 -3.31 -10.97
CA LEU C 37 21.29 -3.64 -12.35
C LEU C 37 22.56 -3.57 -13.22
N LEU C 38 22.79 -4.63 -13.99
CA LEU C 38 23.98 -4.72 -14.80
C LEU C 38 23.73 -4.46 -16.29
N GLU C 39 24.75 -3.93 -16.96
CA GLU C 39 24.72 -3.66 -18.41
C GLU C 39 26.03 -4.23 -18.95
N GLY C 40 26.05 -4.57 -20.23
CA GLY C 40 27.28 -5.07 -20.84
C GLY C 40 27.06 -5.92 -22.11
N GLU C 41 28.07 -6.71 -22.49
CA GLU C 41 27.95 -7.55 -23.67
C GLU C 41 27.10 -8.80 -23.36
N ILE C 42 25.80 -8.58 -23.18
CA ILE C 42 24.88 -9.67 -22.84
C ILE C 42 23.75 -9.92 -23.85
N GLU C 43 23.79 -9.24 -25.00
CA GLU C 43 22.75 -9.36 -26.04
C GLU C 43 22.40 -10.80 -26.35
N THR C 44 23.43 -11.65 -26.37
CA THR C 44 23.20 -13.03 -26.75
C THR C 44 22.26 -13.84 -25.85
N SER C 45 21.98 -13.30 -24.66
CA SER C 45 21.07 -13.97 -23.72
C SER C 45 19.68 -13.71 -24.25
N TYR C 46 19.55 -12.62 -25.00
CA TYR C 46 18.27 -12.18 -25.54
C TYR C 46 18.00 -12.72 -26.91
N THR C 47 19.04 -12.81 -27.71
CA THR C 47 18.85 -13.20 -29.09
C THR C 47 19.07 -14.66 -29.36
N LYS C 48 20.04 -15.26 -28.68
CA LYS C 48 20.33 -16.67 -28.88
C LYS C 48 20.22 -17.52 -27.61
N ALA C 49 19.43 -17.06 -26.65
CA ALA C 49 19.25 -17.75 -25.38
C ALA C 49 20.56 -18.30 -24.78
N ASP C 50 21.61 -17.49 -24.83
CA ASP C 50 22.94 -17.83 -24.33
C ASP C 50 23.13 -17.39 -22.89
N ASN C 51 23.08 -18.33 -21.94
CA ASN C 51 23.22 -18.01 -20.52
C ASN C 51 24.66 -17.88 -20.02
N SER C 52 25.61 -18.16 -20.89
CA SER C 52 27.01 -18.15 -20.50
C SER C 52 27.53 -16.78 -20.16
N VAL C 53 26.87 -15.77 -20.67
CA VAL C 53 27.24 -14.40 -20.40
C VAL C 53 26.47 -13.85 -19.20
N ILE C 54 25.59 -14.66 -18.62
CA ILE C 54 24.78 -14.15 -17.52
C ILE C 54 25.26 -14.53 -16.15
N VAL C 55 25.55 -13.50 -15.35
CA VAL C 55 25.88 -13.64 -13.94
C VAL C 55 24.48 -13.74 -13.36
N ALA C 56 24.18 -14.85 -12.70
CA ALA C 56 22.84 -15.12 -12.17
C ALA C 56 22.39 -14.17 -11.05
N THR C 57 21.16 -13.70 -11.14
CA THR C 57 20.66 -12.72 -10.19
C THR C 57 20.84 -13.13 -8.75
N ASP C 58 20.84 -14.44 -8.52
CA ASP C 58 21.06 -14.95 -7.18
C ASP C 58 22.48 -14.63 -6.70
N SER C 59 23.42 -14.63 -7.64
CA SER C 59 24.81 -14.35 -7.32
C SER C 59 25.06 -12.89 -7.10
N ILE C 60 24.24 -12.05 -7.75
CA ILE C 60 24.23 -10.60 -7.53
C ILE C 60 23.82 -10.36 -6.08
N LYS C 61 22.83 -11.13 -5.65
CA LYS C 61 22.39 -11.14 -4.24
C LYS C 61 23.53 -11.50 -3.26
N ASN C 62 24.14 -12.65 -3.48
CA ASN C 62 25.22 -13.13 -2.62
C ASN C 62 26.28 -12.06 -2.52
N THR C 63 26.55 -11.40 -3.65
CA THR C 63 27.60 -10.39 -3.74
C THR C 63 27.29 -9.18 -2.87
N ILE C 64 26.01 -8.81 -2.78
CA ILE C 64 25.61 -7.70 -1.92
C ILE C 64 25.86 -8.06 -0.45
N TYR C 65 25.48 -9.27 -0.05
CA TYR C 65 25.71 -9.70 1.32
C TYR C 65 27.19 -9.72 1.66
N ILE C 66 27.98 -10.36 0.80
CA ILE C 66 29.42 -10.47 0.97
C ILE C 66 30.13 -9.13 1.02
N THR C 67 29.80 -8.23 0.11
CA THR C 67 30.39 -6.90 0.09
C THR C 67 30.05 -6.16 1.37
N ALA C 68 28.80 -6.30 1.80
CA ALA C 68 28.32 -5.65 3.01
C ALA C 68 29.12 -6.16 4.20
N LYS C 69 29.47 -7.44 4.16
CA LYS C 69 30.25 -8.11 5.20
C LYS C 69 31.67 -7.58 5.29
N GLN C 70 32.30 -7.34 4.15
CA GLN C 70 33.68 -6.92 4.17
C GLN C 70 33.96 -5.46 3.93
N ASN C 71 32.95 -4.61 4.01
CA ASN C 71 33.13 -3.15 3.81
C ASN C 71 32.17 -2.34 4.65
N PRO C 72 32.52 -1.08 4.83
CA PRO C 72 31.59 -0.13 5.48
C PRO C 72 30.32 -0.07 4.65
N VAL C 73 29.15 0.01 5.28
CA VAL C 73 27.94 0.20 4.49
C VAL C 73 27.50 1.65 4.55
N THR C 74 28.32 2.48 5.18
CA THR C 74 27.99 3.88 5.34
C THR C 74 29.24 4.72 5.07
N PRO C 75 29.08 5.89 4.43
CA PRO C 75 27.79 6.37 3.94
C PRO C 75 27.33 5.51 2.75
N PRO C 76 26.04 5.53 2.46
CA PRO C 76 25.55 4.77 1.33
C PRO C 76 26.22 5.16 0.00
N GLU C 77 26.67 6.41 -0.16
CA GLU C 77 27.35 6.77 -1.41
C GLU C 77 28.61 5.93 -1.60
N LEU C 78 29.32 5.67 -0.51
CA LEU C 78 30.55 4.89 -0.57
C LEU C 78 30.23 3.44 -0.92
N PHE C 79 29.35 2.84 -0.12
CA PHE C 79 28.92 1.45 -0.32
C PHE C 79 28.48 1.13 -1.74
N GLY C 80 27.66 2.02 -2.29
CA GLY C 80 27.14 1.86 -3.64
C GLY C 80 28.31 1.88 -4.65
N SER C 81 29.25 2.79 -4.43
CA SER C 81 30.40 2.88 -5.29
C SER C 81 31.25 1.63 -5.18
N ILE C 82 31.51 1.17 -3.98
CA ILE C 82 32.33 -0.02 -3.86
C ILE C 82 31.61 -1.15 -4.62
N LEU C 83 30.33 -1.30 -4.31
CA LEU C 83 29.50 -2.33 -4.89
C LEU C 83 29.43 -2.32 -6.44
N GLY C 84 29.21 -1.12 -7.00
CA GLY C 84 29.16 -0.95 -8.45
C GLY C 84 30.51 -1.30 -9.09
N THR C 85 31.55 -0.65 -8.58
CA THR C 85 32.90 -0.92 -8.98
C THR C 85 33.21 -2.40 -9.05
N HIS C 86 32.87 -3.13 -7.99
CA HIS C 86 33.13 -4.58 -7.99
C HIS C 86 32.68 -5.32 -9.25
N PHE C 87 31.50 -4.97 -9.74
CA PHE C 87 30.92 -5.66 -10.88
C PHE C 87 31.67 -5.37 -12.16
N ILE C 88 32.04 -4.11 -12.38
CA ILE C 88 32.75 -3.84 -13.58
C ILE C 88 34.16 -4.37 -13.60
N GLU C 89 34.74 -4.46 -12.41
CA GLU C 89 36.10 -4.93 -12.26
C GLU C 89 36.20 -6.44 -12.31
N LYS C 90 35.24 -7.15 -11.73
CA LYS C 90 35.30 -8.60 -11.74
C LYS C 90 34.85 -9.32 -13.00
N TYR C 91 34.11 -8.65 -13.86
CA TYR C 91 33.64 -9.25 -15.11
C TYR C 91 34.09 -8.44 -16.33
N ASN C 92 34.54 -9.15 -17.36
CA ASN C 92 35.05 -8.43 -18.51
C ASN C 92 33.94 -7.92 -19.37
N HIS C 93 32.83 -8.65 -19.43
CA HIS C 93 31.72 -8.25 -20.27
C HIS C 93 30.73 -7.26 -19.66
N ILE C 94 30.85 -7.04 -18.35
CA ILE C 94 29.99 -6.08 -17.65
C ILE C 94 30.67 -4.71 -17.69
N HIS C 95 30.00 -3.76 -18.32
CA HIS C 95 30.56 -2.43 -18.47
C HIS C 95 29.96 -1.33 -17.61
N ALA C 96 28.76 -1.57 -17.08
CA ALA C 96 28.10 -0.58 -16.26
C ALA C 96 27.38 -1.30 -15.15
N ALA C 97 27.31 -0.65 -13.99
CA ALA C 97 26.58 -1.18 -12.84
C ALA C 97 25.77 -0.03 -12.29
N HIS C 98 24.48 -0.25 -12.05
CA HIS C 98 23.64 0.81 -11.49
C HIS C 98 23.10 0.33 -10.15
N VAL C 99 23.55 0.99 -9.08
CA VAL C 99 23.16 0.60 -7.75
C VAL C 99 22.26 1.62 -7.14
N ASN C 100 21.11 1.14 -6.65
CA ASN C 100 20.16 1.99 -5.95
C ASN C 100 20.03 1.55 -4.51
N ILE C 101 20.18 2.50 -3.57
CA ILE C 101 20.14 2.16 -2.17
C ILE C 101 19.17 3.01 -1.41
N VAL C 102 18.27 2.35 -0.70
CA VAL C 102 17.33 3.04 0.17
C VAL C 102 17.64 2.78 1.62
N CYS C 103 17.98 3.81 2.35
CA CYS C 103 18.25 3.62 3.75
C CYS C 103 17.06 3.87 4.67
N HIS C 104 16.81 2.88 5.51
CA HIS C 104 15.79 3.01 6.54
C HIS C 104 16.25 3.54 7.90
N ARG C 105 15.37 4.33 8.55
CA ARG C 105 15.68 4.93 9.85
C ARG C 105 15.58 3.99 11.02
N TRP C 106 16.66 3.86 11.76
CA TRP C 106 16.60 3.09 12.98
C TRP C 106 17.30 4.01 13.95
N THR C 107 16.52 4.92 14.52
CA THR C 107 17.04 5.96 15.40
C THR C 107 17.21 5.45 16.81
N ARG C 108 18.40 5.64 17.40
CA ARG C 108 18.63 5.25 18.80
C ARG C 108 17.62 5.85 19.79
N MET C 109 17.18 5.00 20.71
CA MET C 109 16.14 5.35 21.68
C MET C 109 16.72 6.10 22.85
N ASP C 110 16.01 7.11 23.35
CA ASP C 110 16.47 7.85 24.54
C ASP C 110 15.62 7.39 25.74
N ILE C 111 16.20 6.56 26.60
CA ILE C 111 15.48 6.05 27.78
C ILE C 111 15.93 6.77 29.03
N ASP C 112 15.05 7.59 29.60
CA ASP C 112 15.40 8.36 30.80
C ASP C 112 16.48 9.39 30.46
N GLY C 113 16.35 10.00 29.29
CA GLY C 113 17.28 11.02 28.87
C GLY C 113 18.61 10.50 28.34
N LYS C 114 18.89 9.22 28.50
CA LYS C 114 20.16 8.70 28.02
C LYS C 114 20.04 7.76 26.81
N PRO C 115 20.84 8.01 25.78
CA PRO C 115 20.82 7.21 24.58
C PRO C 115 21.00 5.75 24.95
N HIS C 116 20.22 4.86 24.35
CA HIS C 116 20.35 3.45 24.67
C HIS C 116 21.37 2.75 23.78
N PRO C 117 22.30 2.03 24.41
CA PRO C 117 23.33 1.30 23.69
C PRO C 117 22.88 0.42 22.50
N HIS C 118 21.67 -0.15 22.56
CA HIS C 118 21.25 -1.10 21.55
C HIS C 118 19.78 -1.19 21.24
N SER C 119 19.06 -0.12 21.51
CA SER C 119 17.65 -0.08 21.14
C SER C 119 17.28 1.03 20.20
N PHE C 120 16.56 0.67 19.15
CA PHE C 120 16.16 1.62 18.12
C PHE C 120 14.68 1.70 17.79
N ILE C 121 14.31 2.81 17.18
CA ILE C 121 12.92 3.06 16.87
C ILE C 121 12.86 3.61 15.45
N ARG C 122 11.86 3.18 14.70
CA ARG C 122 11.69 3.66 13.35
C ARG C 122 10.97 5.00 13.45
N ASP C 123 11.72 6.03 13.78
CA ASP C 123 11.13 7.31 14.04
C ASP C 123 10.59 8.11 12.85
N SER C 124 10.32 7.45 11.73
CA SER C 124 9.80 8.15 10.54
C SER C 124 9.89 7.32 9.28
N GLU C 125 9.03 7.61 8.31
CA GLU C 125 9.11 6.86 7.04
C GLU C 125 9.91 7.55 5.92
N GLU C 126 10.66 8.59 6.33
CA GLU C 126 11.55 9.35 5.48
C GLU C 126 12.71 8.42 5.15
N LYS C 127 13.26 8.55 3.96
CA LYS C 127 14.35 7.71 3.52
C LYS C 127 15.50 8.55 3.03
N ARG C 128 16.71 7.98 3.06
CA ARG C 128 17.88 8.63 2.49
C ARG C 128 18.32 7.64 1.45
N ASN C 129 18.43 8.12 0.20
CA ASN C 129 18.78 7.21 -0.88
C ASN C 129 19.98 7.65 -1.64
N VAL C 130 20.51 6.70 -2.42
CA VAL C 130 21.58 6.99 -3.38
C VAL C 130 21.40 6.20 -4.68
N GLN C 131 21.70 6.85 -5.80
CA GLN C 131 21.68 6.18 -7.09
C GLN C 131 23.09 6.34 -7.61
N VAL C 132 23.77 5.22 -7.75
CA VAL C 132 25.15 5.28 -8.13
C VAL C 132 25.35 4.55 -9.42
N ASP C 133 25.81 5.28 -10.43
CA ASP C 133 26.10 4.73 -11.77
C ASP C 133 27.59 4.61 -12.04
N VAL C 134 28.06 3.38 -12.10
CA VAL C 134 29.47 3.08 -12.31
C VAL C 134 29.65 2.57 -13.73
N VAL C 135 30.11 3.43 -14.62
CA VAL C 135 30.31 3.04 -16.02
C VAL C 135 31.76 2.93 -16.38
N GLU C 136 32.15 1.85 -17.06
CA GLU C 136 33.54 1.67 -17.43
C GLU C 136 34.09 2.80 -18.25
N GLY C 137 35.21 3.33 -17.78
CA GLY C 137 35.89 4.42 -18.43
C GLY C 137 35.00 5.65 -18.53
N LYS C 138 34.23 5.88 -17.48
CA LYS C 138 33.39 7.06 -17.47
C LYS C 138 33.17 7.49 -16.03
N GLY C 139 33.83 6.77 -15.13
CA GLY C 139 33.85 7.12 -13.71
C GLY C 139 32.66 6.67 -12.88
N ILE C 140 32.33 7.48 -11.88
CA ILE C 140 31.23 7.17 -10.99
C ILE C 140 30.34 8.39 -10.82
N ASP C 141 29.07 8.24 -11.19
CA ASP C 141 28.11 9.32 -11.05
C ASP C 141 27.22 8.99 -9.87
N ILE C 142 26.98 9.99 -9.02
CA ILE C 142 26.24 9.77 -7.81
C ILE C 142 25.13 10.77 -7.63
N LYS C 143 23.91 10.28 -7.48
CA LYS C 143 22.78 11.13 -7.22
C LYS C 143 22.36 10.80 -5.79
N SER C 144 22.42 11.78 -4.89
CA SER C 144 21.99 11.55 -3.52
C SER C 144 20.64 12.17 -3.27
N SER C 145 19.88 11.64 -2.30
CA SER C 145 18.57 12.22 -2.01
C SER C 145 17.89 11.82 -0.72
N LEU C 146 16.94 12.66 -0.32
CA LEU C 146 16.03 12.41 0.80
C LEU C 146 14.63 12.48 0.23
N SER C 147 13.77 11.59 0.74
CA SER C 147 12.40 11.52 0.29
C SER C 147 11.52 11.10 1.43
N GLY C 148 10.22 11.26 1.25
CA GLY C 148 9.31 10.82 2.29
C GLY C 148 9.36 11.74 3.47
N LEU C 149 9.69 13.00 3.23
CA LEU C 149 9.65 14.03 4.26
C LEU C 149 8.31 14.79 4.15
N THR C 150 7.40 14.55 5.09
CA THR C 150 6.12 15.24 5.01
C THR C 150 6.00 16.37 6.02
N VAL C 151 5.68 17.54 5.50
CA VAL C 151 5.60 18.75 6.31
C VAL C 151 4.30 19.52 6.03
N LEU C 152 3.90 20.33 7.02
CA LEU C 152 2.74 21.22 6.92
C LEU C 152 2.94 22.49 7.74
N LYS C 153 2.54 23.62 7.16
CA LYS C 153 2.61 24.87 7.90
C LYS C 153 1.17 25.35 7.80
N SER C 154 0.61 25.81 8.93
CA SER C 154 -0.80 26.23 9.02
C SER C 154 -1.11 27.62 8.51
N THR C 155 -0.08 28.38 8.19
CA THR C 155 -0.25 29.76 7.80
C THR C 155 1.06 30.26 7.20
N ASN C 156 1.09 31.53 6.77
CA ASN C 156 2.27 32.12 6.14
C ASN C 156 2.55 31.47 4.78
N SER C 157 1.49 31.40 3.96
CA SER C 157 1.55 30.83 2.62
C SER C 157 0.35 31.41 1.94
N GLN C 158 0.58 31.93 0.74
CA GLN C 158 -0.46 32.59 -0.03
C GLN C 158 -0.43 32.12 -1.45
N PHE C 159 -1.47 32.45 -2.20
CA PHE C 159 -1.49 32.18 -3.62
C PHE C 159 -2.45 33.11 -4.33
N TRP C 160 -1.88 34.12 -4.98
CA TRP C 160 -2.64 35.12 -5.72
C TRP C 160 -1.76 35.70 -6.83
N GLY C 161 -2.39 36.29 -7.83
CA GLY C 161 -1.64 36.91 -8.93
C GLY C 161 -1.39 35.95 -10.08
N PHE C 162 -2.03 34.79 -10.02
CA PHE C 162 -1.89 33.78 -11.07
C PHE C 162 -2.83 34.10 -12.23
N LEU C 163 -2.50 33.56 -13.40
CA LEU C 163 -3.26 33.77 -14.61
C LEU C 163 -4.71 33.39 -14.42
N ARG C 164 -5.61 34.22 -14.93
CA ARG C 164 -7.04 33.92 -14.88
C ARG C 164 -7.64 33.92 -16.27
N ASP C 165 -8.44 32.91 -16.59
CA ASP C 165 -9.13 32.89 -17.87
C ASP C 165 -10.42 32.10 -17.75
N GLU C 166 -10.96 31.62 -18.87
CA GLU C 166 -12.24 30.91 -18.81
C GLU C 166 -12.20 29.48 -18.22
N TYR C 167 -11.05 29.07 -17.69
CA TYR C 167 -10.91 27.75 -17.12
C TYR C 167 -10.68 27.93 -15.65
N THR C 168 -10.51 29.19 -15.23
CA THR C 168 -10.19 29.52 -13.84
C THR C 168 -11.40 29.68 -12.91
N THR C 169 -11.31 29.10 -11.70
CA THR C 169 -12.37 29.22 -10.70
C THR C 169 -11.73 29.41 -9.35
N LEU C 170 -10.44 29.14 -9.27
CA LEU C 170 -9.73 29.28 -8.00
C LEU C 170 -9.76 30.72 -7.47
N LYS C 171 -10.04 30.90 -6.19
CA LYS C 171 -10.03 32.24 -5.62
C LYS C 171 -8.67 32.58 -5.02
N GLU C 172 -8.21 33.81 -5.27
CA GLU C 172 -6.96 34.31 -4.72
C GLU C 172 -7.03 34.26 -3.20
N THR C 173 -5.90 33.99 -2.54
CA THR C 173 -5.85 33.93 -1.09
C THR C 173 -4.55 34.48 -0.51
N TRP C 174 -4.66 35.07 0.69
CA TRP C 174 -3.51 35.61 1.39
C TRP C 174 -3.09 34.86 2.64
N ASP C 175 -3.86 33.83 2.97
CA ASP C 175 -3.52 32.92 4.08
C ASP C 175 -4.10 31.55 3.75
N ARG C 176 -3.21 30.55 3.65
CA ARG C 176 -3.58 29.18 3.35
C ARG C 176 -2.64 28.17 4.01
N ILE C 177 -3.04 26.91 3.98
CA ILE C 177 -2.26 25.81 4.57
C ILE C 177 -1.38 25.27 3.47
N LEU C 178 -0.10 25.03 3.75
CA LEU C 178 0.83 24.45 2.77
C LEU C 178 1.39 23.16 3.33
N SER C 179 1.04 22.06 2.66
CA SER C 179 1.51 20.72 3.05
C SER C 179 2.04 20.03 1.81
N THR C 180 3.15 19.31 1.96
CA THR C 180 3.77 18.60 0.86
C THR C 180 4.70 17.51 1.37
N ASP C 181 5.04 16.63 0.44
CA ASP C 181 6.05 15.61 0.66
C ASP C 181 7.29 16.24 0.01
N VAL C 182 8.47 15.98 0.53
CA VAL C 182 9.62 16.59 -0.10
C VAL C 182 10.55 15.54 -0.62
N ASP C 183 10.85 15.70 -1.90
CA ASP C 183 11.74 14.80 -2.61
C ASP C 183 12.85 15.64 -3.17
N ALA C 184 14.04 15.56 -2.55
CA ALA C 184 15.17 16.41 -2.92
C ALA C 184 16.42 15.62 -3.32
N THR C 185 16.91 15.91 -4.52
CA THR C 185 18.06 15.20 -5.06
C THR C 185 19.21 16.13 -5.42
N TRP C 186 20.39 15.83 -4.90
CA TRP C 186 21.57 16.59 -5.28
C TRP C 186 22.49 15.67 -6.04
N GLN C 187 22.98 16.15 -7.17
CA GLN C 187 23.86 15.39 -8.05
C GLN C 187 25.30 15.88 -7.94
N TRP C 188 26.18 14.95 -7.59
CA TRP C 188 27.58 15.25 -7.42
C TRP C 188 28.31 15.34 -8.75
N LYS C 189 29.37 16.12 -8.76
CA LYS C 189 30.28 16.20 -9.92
C LYS C 189 30.93 14.78 -10.14
N ASN C 190 30.94 14.30 -11.37
CA ASN C 190 31.52 12.99 -11.65
C ASN C 190 32.84 12.70 -10.89
N PHE C 191 33.01 11.46 -10.44
CA PHE C 191 34.23 11.03 -9.71
C PHE C 191 34.99 10.04 -10.55
N SER C 192 36.29 10.25 -10.65
CA SER C 192 37.16 9.42 -11.49
C SER C 192 37.09 7.93 -11.14
N GLY C 193 37.12 7.61 -9.85
CA GLY C 193 37.10 6.22 -9.43
C GLY C 193 36.90 6.15 -7.94
N LEU C 194 36.95 4.93 -7.41
CA LEU C 194 36.76 4.69 -5.96
C LEU C 194 37.61 5.58 -5.06
N GLN C 195 38.85 5.78 -5.46
CA GLN C 195 39.74 6.58 -4.66
C GLN C 195 39.13 7.97 -4.46
N GLU C 196 38.74 8.59 -5.57
CA GLU C 196 38.23 9.96 -5.47
C GLU C 196 37.05 10.00 -4.54
N VAL C 197 36.25 8.94 -4.60
CA VAL C 197 35.07 8.84 -3.76
C VAL C 197 35.45 8.73 -2.25
N ARG C 198 36.42 7.86 -1.95
CA ARG C 198 36.88 7.67 -0.59
C ARG C 198 37.43 8.97 -0.06
N SER C 199 38.14 9.70 -0.91
CA SER C 199 38.72 10.96 -0.50
C SER C 199 37.67 12.00 -0.03
N HIS C 200 36.40 11.83 -0.45
CA HIS C 200 35.34 12.79 -0.13
C HIS C 200 34.28 12.29 0.81
N VAL C 201 34.58 11.19 1.50
CA VAL C 201 33.61 10.54 2.36
C VAL C 201 32.88 11.47 3.34
N PRO C 202 33.63 12.35 4.01
CA PRO C 202 32.99 13.18 5.03
C PRO C 202 31.93 14.11 4.47
N LYS C 203 32.08 14.47 3.20
CA LYS C 203 31.18 15.43 2.50
C LYS C 203 29.77 14.87 2.37
N PHE C 204 29.72 13.55 2.24
CA PHE C 204 28.46 12.85 2.11
C PHE C 204 27.46 13.13 3.26
N ASP C 205 27.68 12.55 4.44
CA ASP C 205 26.80 12.80 5.56
C ASP C 205 26.49 14.29 5.79
N ALA C 206 27.53 15.12 5.64
CA ALA C 206 27.40 16.56 5.85
C ALA C 206 26.42 17.19 4.91
N THR C 207 26.54 16.86 3.63
CA THR C 207 25.66 17.45 2.65
C THR C 207 24.23 17.02 2.89
N TRP C 208 24.06 15.75 3.27
CA TRP C 208 22.73 15.20 3.51
C TRP C 208 22.11 16.03 4.65
N ALA C 209 22.89 16.14 5.71
CA ALA C 209 22.45 16.89 6.85
C ALA C 209 22.02 18.30 6.41
N THR C 210 22.90 18.95 5.66
CA THR C 210 22.68 20.33 5.20
C THR C 210 21.42 20.49 4.38
N ALA C 211 21.25 19.58 3.43
CA ALA C 211 20.11 19.58 2.54
C ALA C 211 18.84 19.49 3.36
N ARG C 212 18.86 18.62 4.35
CA ARG C 212 17.68 18.44 5.16
C ARG C 212 17.35 19.71 5.97
N GLU C 213 18.36 20.26 6.62
CA GLU C 213 18.24 21.46 7.45
C GLU C 213 17.74 22.68 6.66
N VAL C 214 18.37 22.93 5.54
CA VAL C 214 18.02 24.02 4.62
C VAL C 214 16.53 23.85 4.21
N THR C 215 16.13 22.64 3.84
CA THR C 215 14.75 22.37 3.44
C THR C 215 13.78 22.73 4.57
N LEU C 216 13.93 22.08 5.73
CA LEU C 216 13.07 22.38 6.89
C LEU C 216 13.02 23.87 7.22
N LYS C 217 14.17 24.46 7.48
CA LYS C 217 14.25 25.88 7.83
C LYS C 217 13.60 26.80 6.82
N THR C 218 13.95 26.64 5.53
CA THR C 218 13.37 27.47 4.47
C THR C 218 11.86 27.34 4.42
N PHE C 219 11.38 26.10 4.48
CA PHE C 219 9.96 25.82 4.43
C PHE C 219 9.26 26.55 5.56
N ALA C 220 9.75 26.33 6.77
CA ALA C 220 9.20 26.98 7.93
C ALA C 220 9.23 28.52 7.88
N GLU C 221 10.39 29.09 7.56
CA GLU C 221 10.57 30.54 7.57
C GLU C 221 10.00 31.32 6.36
N ASP C 222 10.13 30.74 5.17
CA ASP C 222 9.63 31.44 4.00
C ASP C 222 8.15 31.73 4.01
N ASN C 223 7.81 33.03 3.93
CA ASN C 223 6.41 33.47 3.75
C ASN C 223 6.22 33.77 2.27
N SER C 224 5.81 32.77 1.50
CA SER C 224 5.76 32.95 0.07
C SER C 224 4.39 32.91 -0.56
N ALA C 225 4.33 33.34 -1.82
CA ALA C 225 3.11 33.23 -2.62
C ALA C 225 3.45 32.33 -3.80
N SER C 226 4.60 31.62 -3.69
CA SER C 226 5.10 30.72 -4.74
C SER C 226 5.82 29.50 -4.14
N VAL C 227 5.28 28.30 -4.37
CA VAL C 227 6.00 27.12 -3.89
C VAL C 227 7.27 27.02 -4.70
N GLN C 228 7.14 27.47 -5.94
CA GLN C 228 8.24 27.53 -6.88
C GLN C 228 9.33 28.41 -6.29
N ALA C 229 8.93 29.59 -5.82
CA ALA C 229 9.88 30.51 -5.24
C ALA C 229 10.59 29.90 -4.03
N THR C 230 9.84 29.14 -3.23
CA THR C 230 10.40 28.51 -2.05
C THR C 230 11.40 27.41 -2.40
N MET C 231 11.05 26.57 -3.38
CA MET C 231 11.93 25.49 -3.76
C MET C 231 13.23 26.06 -4.24
N TYR C 232 13.11 27.16 -4.99
CA TYR C 232 14.26 27.76 -5.63
C TYR C 232 15.24 28.30 -4.60
N LYS C 233 14.73 28.82 -3.49
CA LYS C 233 15.58 29.32 -2.44
C LYS C 233 16.35 28.19 -1.80
N MET C 234 15.67 27.07 -1.62
CA MET C 234 16.28 25.88 -1.03
C MET C 234 17.43 25.42 -1.90
N ALA C 235 17.19 25.32 -3.21
CA ALA C 235 18.21 24.92 -4.16
C ALA C 235 19.45 25.79 -4.00
N GLU C 236 19.25 27.10 -4.09
CA GLU C 236 20.36 28.03 -4.05
C GLU C 236 21.25 27.70 -2.88
N GLN C 237 20.65 27.68 -1.70
CA GLN C 237 21.45 27.50 -0.51
C GLN C 237 22.27 26.23 -0.50
N ILE C 238 21.69 25.17 -1.01
CA ILE C 238 22.39 23.92 -1.04
C ILE C 238 23.60 24.03 -1.95
N LEU C 239 23.37 24.59 -3.14
CA LEU C 239 24.41 24.80 -4.13
C LEU C 239 25.56 25.65 -3.53
N ALA C 240 25.17 26.70 -2.81
CA ALA C 240 26.12 27.59 -2.15
C ALA C 240 27.01 26.91 -1.11
N ARG C 241 26.39 26.03 -0.33
CA ARG C 241 27.09 25.35 0.76
C ARG C 241 27.96 24.18 0.31
N GLN C 242 27.77 23.67 -0.90
CA GLN C 242 28.63 22.58 -1.35
C GLN C 242 29.05 22.66 -2.83
N GLN C 243 30.32 23.02 -3.05
CA GLN C 243 30.86 23.16 -4.37
C GLN C 243 30.87 21.88 -5.28
N LEU C 244 30.99 20.70 -4.67
CA LEU C 244 31.04 19.43 -5.40
C LEU C 244 29.70 18.97 -5.99
N ILE C 245 28.62 19.66 -5.61
CA ILE C 245 27.28 19.38 -6.15
C ILE C 245 27.09 20.19 -7.47
N GLU C 246 26.67 19.51 -8.54
CA GLU C 246 26.45 20.20 -9.79
C GLU C 246 25.02 20.71 -9.92
N THR C 247 24.05 19.87 -9.56
CA THR C 247 22.61 20.24 -9.63
C THR C 247 21.78 19.78 -8.45
N VAL C 248 20.81 20.61 -8.06
CA VAL C 248 19.82 20.25 -7.03
C VAL C 248 18.44 20.11 -7.70
N GLU C 249 17.68 19.08 -7.32
CA GLU C 249 16.37 18.92 -7.89
C GLU C 249 15.32 18.64 -6.83
N TYR C 250 14.25 19.41 -6.90
CA TYR C 250 13.18 19.28 -5.95
C TYR C 250 11.90 18.91 -6.64
N SER C 251 11.15 17.99 -6.02
CA SER C 251 9.86 17.55 -6.52
C SER C 251 8.92 17.60 -5.33
N LEU C 252 8.01 18.58 -5.29
CA LEU C 252 7.06 18.71 -4.18
C LEU C 252 5.65 18.49 -4.65
N PRO C 253 5.03 17.44 -4.12
CA PRO C 253 3.67 17.13 -4.41
C PRO C 253 2.82 17.88 -3.40
N ASN C 254 2.04 18.83 -3.89
CA ASN C 254 1.23 19.57 -2.99
C ASN C 254 -0.13 19.06 -2.51
N LYS C 255 -0.20 18.71 -1.23
CA LYS C 255 -1.39 18.14 -0.64
C LYS C 255 -2.32 19.23 -0.17
N HIS C 256 -3.56 19.21 -0.68
CA HIS C 256 -4.54 20.28 -0.39
C HIS C 256 -5.46 20.06 0.77
N TYR C 257 -5.74 21.16 1.47
CA TYR C 257 -6.68 21.18 2.58
C TYR C 257 -7.76 22.19 2.26
N PHE C 258 -8.94 21.69 1.91
CA PHE C 258 -10.07 22.54 1.58
C PHE C 258 -10.80 23.17 2.78
N GLU C 259 -11.44 24.30 2.52
CA GLU C 259 -12.21 24.99 3.54
C GLU C 259 -13.58 24.34 3.43
N ILE C 260 -14.29 24.31 4.55
CA ILE C 260 -15.61 23.67 4.58
C ILE C 260 -16.66 24.72 4.96
N ASP C 261 -17.51 25.11 4.02
CA ASP C 261 -18.55 26.12 4.31
C ASP C 261 -19.64 25.47 5.13
N LEU C 262 -19.83 25.95 6.36
CA LEU C 262 -20.83 25.36 7.23
C LEU C 262 -21.95 26.36 7.46
N SER C 263 -21.92 27.48 6.73
CA SER C 263 -22.92 28.54 6.89
C SER C 263 -24.35 28.04 6.75
N TRP C 264 -24.55 27.05 5.89
CA TRP C 264 -25.87 26.49 5.68
C TRP C 264 -26.48 25.95 6.97
N HIS C 265 -25.63 25.79 7.98
CA HIS C 265 -26.08 25.26 9.26
C HIS C 265 -25.98 26.31 10.37
N LYS C 266 -27.13 26.86 10.77
CA LYS C 266 -27.23 27.88 11.81
C LYS C 266 -26.22 29.01 11.61
N GLY C 267 -25.98 29.34 10.33
CA GLY C 267 -25.07 30.42 9.97
C GLY C 267 -23.66 30.23 10.56
N LEU C 268 -23.26 28.98 10.65
CA LEU C 268 -21.94 28.64 11.17
C LEU C 268 -20.83 29.30 10.32
N GLN C 269 -19.92 30.02 10.97
CA GLN C 269 -18.83 30.70 10.26
C GLN C 269 -17.48 29.93 10.27
N ASN C 270 -17.11 29.32 9.15
CA ASN C 270 -15.92 28.47 9.10
C ASN C 270 -15.02 28.72 7.91
N THR C 271 -15.18 29.87 7.27
CA THR C 271 -14.36 30.20 6.11
C THR C 271 -13.58 31.48 6.33
N GLY C 272 -12.75 31.80 5.36
CA GLY C 272 -11.91 32.98 5.50
C GLY C 272 -11.21 33.04 6.87
N LYS C 273 -11.39 34.16 7.56
CA LYS C 273 -10.74 34.42 8.84
C LYS C 273 -11.22 33.51 9.94
N ASN C 274 -12.35 32.85 9.71
CA ASN C 274 -12.96 32.00 10.71
C ASN C 274 -12.73 30.53 10.42
N ALA C 275 -12.01 30.22 9.35
CA ALA C 275 -11.74 28.82 9.05
C ALA C 275 -10.97 28.15 10.20
N GLU C 276 -11.44 26.98 10.65
CA GLU C 276 -10.81 26.25 11.72
C GLU C 276 -10.77 24.78 11.37
N VAL C 277 -11.82 24.34 10.71
CA VAL C 277 -11.97 22.94 10.38
C VAL C 277 -11.86 22.82 8.86
N PHE C 278 -10.91 21.97 8.42
CA PHE C 278 -10.66 21.72 7.01
C PHE C 278 -10.81 20.26 6.59
N ALA C 279 -11.02 20.03 5.30
CA ALA C 279 -11.09 18.69 4.81
C ALA C 279 -9.86 18.43 3.97
N PRO C 280 -8.95 17.63 4.54
CA PRO C 280 -7.76 17.24 3.84
C PRO C 280 -8.20 16.40 2.64
N GLN C 281 -7.56 16.63 1.49
CA GLN C 281 -7.90 15.94 0.23
C GLN C 281 -6.89 14.89 -0.20
N SER C 282 -7.35 13.67 -0.38
CA SER C 282 -6.44 12.63 -0.77
C SER C 282 -5.95 12.74 -2.19
N ASP C 283 -6.76 13.37 -3.06
CA ASP C 283 -6.42 13.65 -4.44
C ASP C 283 -7.43 14.60 -5.04
N PRO C 284 -7.11 15.30 -6.13
CA PRO C 284 -5.81 15.20 -6.73
C PRO C 284 -4.90 16.18 -5.99
N ASN C 285 -3.73 16.38 -6.57
CA ASN C 285 -2.73 17.22 -5.95
C ASN C 285 -1.83 17.83 -6.98
N GLY C 286 -1.32 19.02 -6.65
CA GLY C 286 -0.42 19.74 -7.51
C GLY C 286 0.94 19.09 -7.41
N LEU C 287 1.72 19.23 -8.45
CA LEU C 287 3.05 18.69 -8.43
C LEU C 287 3.92 19.74 -9.09
N ILE C 288 4.91 20.20 -8.32
CA ILE C 288 5.89 21.19 -8.77
C ILE C 288 7.28 20.57 -8.78
N LYS C 289 8.01 20.82 -9.85
CA LYS C 289 9.33 20.27 -10.00
C LYS C 289 10.33 21.35 -10.48
N CYS C 290 11.61 21.12 -10.26
CA CYS C 290 12.61 21.99 -10.86
C CYS C 290 14.04 21.56 -10.58
N THR C 291 14.88 21.69 -11.60
CA THR C 291 16.30 21.40 -11.45
C THR C 291 17.06 22.71 -11.50
N VAL C 292 17.83 22.98 -10.47
CA VAL C 292 18.63 24.19 -10.42
C VAL C 292 20.10 23.86 -10.50
N GLY C 293 20.81 24.59 -11.35
CA GLY C 293 22.24 24.40 -11.51
C GLY C 293 22.97 25.72 -11.27
N ARG C 294 24.27 25.71 -11.52
CA ARG C 294 25.10 26.89 -11.36
C ARG C 294 25.10 27.81 -12.62
N SER C 295 25.05 29.13 -12.39
CA SER C 295 25.02 30.14 -13.45
C SER C 295 26.34 30.19 -14.20
N SER C 296 26.30 30.68 -15.45
CA SER C 296 27.50 30.84 -16.27
C SER C 296 27.94 32.30 -16.21
N LEU C 297 27.11 33.13 -15.60
CA LEU C 297 27.40 34.55 -15.41
C LEU C 297 28.51 34.72 -14.38
N LYS C 298 29.07 35.92 -14.30
CA LYS C 298 30.13 36.20 -13.33
C LYS C 298 29.69 37.35 -12.41
N SER C 299 29.77 37.10 -11.11
N ALA D 2 20.94 28.95 -11.62
CA ALA D 2 19.95 29.11 -12.69
C ALA D 2 19.01 27.87 -12.74
N VAL D 3 17.80 28.09 -13.26
CA VAL D 3 16.83 27.03 -13.47
C VAL D 3 17.15 26.23 -14.71
N LYS D 4 17.61 25.01 -14.53
CA LYS D 4 17.97 24.19 -15.67
C LYS D 4 16.78 23.43 -16.23
N ALA D 5 15.78 23.21 -15.37
CA ALA D 5 14.55 22.51 -15.76
C ALA D 5 13.37 22.95 -14.88
N ALA D 6 12.14 22.80 -15.40
CA ALA D 6 10.94 23.10 -14.62
C ALA D 6 9.64 22.62 -15.24
N ARG D 7 8.88 21.86 -14.46
CA ARG D 7 7.59 21.38 -14.88
C ARG D 7 6.70 21.55 -13.66
N TYR D 8 5.41 21.78 -13.87
CA TYR D 8 4.45 21.76 -12.78
C TYR D 8 3.11 21.33 -13.37
N GLY D 9 2.13 21.05 -12.54
CA GLY D 9 0.85 20.61 -13.07
C GLY D 9 0.04 19.92 -11.97
N LYS D 10 -0.88 19.05 -12.40
CA LYS D 10 -1.75 18.31 -11.48
C LYS D 10 -1.60 16.82 -11.71
N ASP D 11 -1.50 16.11 -10.60
CA ASP D 11 -1.38 14.68 -10.64
C ASP D 11 -2.58 14.07 -9.94
N ASN D 12 -2.86 12.81 -10.29
CA ASN D 12 -3.91 12.06 -9.64
C ASN D 12 -5.26 12.69 -9.84
N VAL D 13 -5.57 13.03 -11.08
CA VAL D 13 -6.92 13.53 -11.36
C VAL D 13 -7.80 12.37 -11.80
N ARG D 14 -8.70 11.94 -10.92
CA ARG D 14 -9.56 10.80 -11.23
C ARG D 14 -10.76 11.27 -12.08
N VAL D 15 -10.96 10.55 -13.17
CA VAL D 15 -12.00 10.90 -14.12
C VAL D 15 -12.81 9.69 -14.50
N TYR D 16 -14.13 9.90 -14.49
CA TYR D 16 -15.09 8.89 -14.88
C TYR D 16 -16.00 9.46 -15.97
N LYS D 17 -16.18 8.69 -17.03
CA LYS D 17 -17.09 9.11 -18.08
C LYS D 17 -17.94 7.96 -18.58
N VAL D 18 -19.23 8.24 -18.72
CA VAL D 18 -20.21 7.26 -19.17
C VAL D 18 -20.74 7.56 -20.57
N HIS D 19 -20.95 6.51 -21.35
CA HIS D 19 -21.49 6.65 -22.68
C HIS D 19 -22.77 5.86 -22.79
N LYS D 20 -23.85 6.57 -23.08
CA LYS D 20 -25.19 5.97 -23.16
C LYS D 20 -25.78 5.86 -24.58
N ASP D 21 -26.00 4.63 -25.06
CA ASP D 21 -26.65 4.41 -26.36
C ASP D 21 -28.16 4.49 -26.19
N GLU D 22 -28.78 5.59 -26.65
CA GLU D 22 -30.23 5.78 -26.48
C GLU D 22 -31.04 4.64 -27.15
N LYS D 23 -30.57 4.20 -28.30
CA LYS D 23 -31.23 3.13 -29.05
C LYS D 23 -31.24 1.84 -28.27
N THR D 24 -30.07 1.20 -28.18
CA THR D 24 -29.89 -0.10 -27.53
C THR D 24 -29.98 -0.09 -26.01
N GLY D 25 -29.85 1.07 -25.40
CA GLY D 25 -29.91 1.19 -23.95
C GLY D 25 -28.57 0.90 -23.25
N VAL D 26 -27.69 0.20 -23.95
CA VAL D 26 -26.39 -0.15 -23.43
C VAL D 26 -25.50 1.03 -22.94
N GLN D 27 -24.99 0.93 -21.72
CA GLN D 27 -24.06 1.92 -21.23
C GLN D 27 -22.62 1.43 -21.19
N THR D 28 -21.69 2.36 -21.30
CA THR D 28 -20.28 2.02 -21.29
C THR D 28 -19.51 3.00 -20.44
N VAL D 29 -18.60 2.50 -19.61
CA VAL D 29 -17.95 3.38 -18.67
C VAL D 29 -16.48 3.32 -18.84
N TYR D 30 -15.89 4.48 -18.57
CA TYR D 30 -14.47 4.70 -18.66
C TYR D 30 -13.99 5.39 -17.40
N GLU D 31 -12.99 4.83 -16.74
CA GLU D 31 -12.40 5.48 -15.57
C GLU D 31 -10.88 5.54 -15.76
N MET D 32 -10.32 6.70 -15.52
CA MET D 32 -8.87 6.81 -15.62
C MET D 32 -8.31 7.86 -14.68
N THR D 33 -7.02 7.74 -14.38
CA THR D 33 -6.33 8.72 -13.51
C THR D 33 -5.34 9.50 -14.38
N VAL D 34 -5.47 10.82 -14.32
CA VAL D 34 -4.76 11.70 -15.21
C VAL D 34 -3.73 12.62 -14.58
N CYS D 35 -2.57 12.70 -15.22
CA CYS D 35 -1.55 13.64 -14.70
C CYS D 35 -1.09 14.51 -15.86
N VAL D 36 -1.07 15.82 -15.62
CA VAL D 36 -0.65 16.78 -16.64
C VAL D 36 0.39 17.75 -16.12
N LEU D 37 1.56 17.75 -16.77
CA LEU D 37 2.66 18.61 -16.32
C LEU D 37 3.07 19.49 -17.49
N LEU D 38 3.16 20.79 -17.23
CA LEU D 38 3.49 21.78 -18.26
C LEU D 38 4.90 22.34 -18.15
N GLU D 39 5.44 22.71 -19.32
CA GLU D 39 6.76 23.30 -19.45
C GLU D 39 6.62 24.53 -20.32
N GLY D 40 7.41 25.57 -20.03
CA GLY D 40 7.40 26.79 -20.82
C GLY D 40 8.16 27.97 -20.21
N GLU D 41 7.76 29.19 -20.58
CA GLU D 41 8.40 30.38 -20.07
C GLU D 41 7.93 30.74 -18.66
N ILE D 42 8.26 29.88 -17.72
CA ILE D 42 7.82 30.05 -16.34
C ILE D 42 8.92 30.39 -15.31
N GLU D 43 10.19 30.37 -15.73
CA GLU D 43 11.30 30.61 -14.79
C GLU D 43 10.98 31.58 -13.70
N THR D 44 10.40 32.71 -14.10
CA THR D 44 10.19 33.80 -13.18
C THR D 44 9.32 33.52 -11.98
N SER D 45 8.52 32.47 -12.06
CA SER D 45 7.75 32.06 -10.90
C SER D 45 8.72 31.51 -9.86
N TYR D 46 9.83 30.92 -10.32
CA TYR D 46 10.82 30.36 -9.44
C TYR D 46 11.77 31.45 -8.92
N THR D 47 12.23 32.28 -9.85
CA THR D 47 13.22 33.29 -9.55
C THR D 47 12.76 34.61 -8.99
N LYS D 48 11.61 35.10 -9.44
CA LYS D 48 11.09 36.34 -8.90
C LYS D 48 9.71 36.22 -8.31
N ALA D 49 9.33 35.03 -7.87
CA ALA D 49 8.00 34.81 -7.29
C ALA D 49 6.90 35.41 -8.14
N ASP D 50 7.05 35.36 -9.45
CA ASP D 50 6.04 35.91 -10.35
C ASP D 50 4.96 34.88 -10.73
N ASN D 51 3.74 35.05 -10.23
CA ASN D 51 2.67 34.09 -10.53
C ASN D 51 1.93 34.37 -11.83
N SER D 52 2.19 35.52 -12.44
CA SER D 52 1.48 35.88 -13.65
C SER D 52 1.62 34.87 -14.78
N VAL D 53 2.74 34.17 -14.78
CA VAL D 53 3.03 33.22 -15.83
C VAL D 53 2.46 31.84 -15.53
N ILE D 54 1.87 31.71 -14.35
CA ILE D 54 1.36 30.42 -13.90
C ILE D 54 -0.13 30.20 -14.08
N VAL D 55 -0.45 29.22 -14.91
CA VAL D 55 -1.80 28.71 -15.06
C VAL D 55 -1.94 27.78 -13.84
N ALA D 56 -2.94 28.07 -13.00
CA ALA D 56 -3.14 27.32 -11.76
C ALA D 56 -3.29 25.81 -11.97
N THR D 57 -2.85 25.06 -10.98
CA THR D 57 -2.98 23.62 -11.07
C THR D 57 -4.46 23.27 -11.02
N ASP D 58 -5.20 24.07 -10.27
CA ASP D 58 -6.64 23.88 -10.15
C ASP D 58 -7.34 24.04 -11.51
N SER D 59 -6.85 24.97 -12.32
CA SER D 59 -7.42 25.19 -13.63
C SER D 59 -7.05 24.08 -14.60
N ILE D 60 -5.85 23.50 -14.42
CA ILE D 60 -5.44 22.34 -15.22
C ILE D 60 -6.43 21.21 -14.95
N LYS D 61 -6.86 21.13 -13.70
CA LYS D 61 -7.84 20.15 -13.27
C LYS D 61 -9.12 20.38 -14.05
N ASN D 62 -9.67 21.59 -13.92
CA ASN D 62 -10.93 21.96 -14.60
C ASN D 62 -10.88 21.60 -16.07
N THR D 63 -9.73 21.93 -16.67
CA THR D 63 -9.48 21.67 -18.09
C THR D 63 -9.65 20.20 -18.41
N ILE D 64 -9.11 19.34 -17.55
CA ILE D 64 -9.24 17.92 -17.80
C ILE D 64 -10.70 17.52 -17.86
N TYR D 65 -11.49 18.01 -16.89
CA TYR D 65 -12.92 17.70 -16.79
C TYR D 65 -13.64 18.20 -18.01
N ILE D 66 -13.35 19.45 -18.37
CA ILE D 66 -13.95 20.09 -19.56
C ILE D 66 -13.61 19.35 -20.84
N THR D 67 -12.35 19.01 -21.01
CA THR D 67 -11.93 18.28 -22.19
C THR D 67 -12.62 16.94 -22.36
N ALA D 68 -12.72 16.21 -21.26
CA ALA D 68 -13.39 14.92 -21.19
C ALA D 68 -14.84 15.06 -21.56
N LYS D 69 -15.44 16.18 -21.14
CA LYS D 69 -16.84 16.46 -21.40
C LYS D 69 -17.10 16.58 -22.90
N GLN D 70 -16.26 17.37 -23.55
CA GLN D 70 -16.38 17.66 -24.97
C GLN D 70 -15.52 16.86 -25.94
N ASN D 71 -14.97 15.72 -25.53
CA ASN D 71 -14.19 14.90 -26.44
C ASN D 71 -14.20 13.43 -26.06
N PRO D 72 -13.89 12.59 -27.03
CA PRO D 72 -13.75 11.16 -26.76
C PRO D 72 -12.59 10.96 -25.79
N VAL D 73 -12.79 10.09 -24.80
CA VAL D 73 -11.72 9.77 -23.87
C VAL D 73 -11.09 8.44 -24.29
N THR D 74 -11.53 7.90 -25.43
CA THR D 74 -10.95 6.65 -25.88
C THR D 74 -10.67 6.79 -27.35
N PRO D 75 -9.52 6.28 -27.83
CA PRO D 75 -8.57 5.58 -26.98
C PRO D 75 -7.82 6.59 -26.16
N PRO D 76 -7.08 6.10 -25.19
CA PRO D 76 -6.31 6.99 -24.32
C PRO D 76 -5.35 7.84 -25.15
N GLU D 77 -4.66 7.22 -26.09
CA GLU D 77 -3.72 7.94 -26.94
C GLU D 77 -4.34 9.17 -27.58
N LEU D 78 -5.61 9.11 -27.96
CA LEU D 78 -6.22 10.24 -28.60
C LEU D 78 -6.51 11.30 -27.57
N PHE D 79 -7.16 10.89 -26.48
CA PHE D 79 -7.49 11.82 -25.42
C PHE D 79 -6.26 12.58 -24.91
N GLY D 80 -5.14 11.87 -24.79
CA GLY D 80 -3.92 12.44 -24.26
C GLY D 80 -3.42 13.51 -25.21
N SER D 81 -3.51 13.18 -26.49
CA SER D 81 -3.10 14.09 -27.54
C SER D 81 -3.96 15.34 -27.57
N ILE D 82 -5.28 15.17 -27.63
CA ILE D 82 -6.15 16.35 -27.59
C ILE D 82 -5.80 17.26 -26.38
N LEU D 83 -5.75 16.65 -25.19
CA LEU D 83 -5.46 17.37 -23.95
C LEU D 83 -4.11 18.13 -23.99
N GLY D 84 -3.06 17.42 -24.41
CA GLY D 84 -1.73 18.01 -24.44
C GLY D 84 -1.71 19.22 -25.36
N THR D 85 -2.19 18.99 -26.58
CA THR D 85 -2.27 20.01 -27.62
C THR D 85 -3.01 21.24 -27.12
N HIS D 86 -4.13 21.04 -26.44
CA HIS D 86 -4.86 22.17 -25.88
C HIS D 86 -3.95 23.12 -25.14
N PHE D 87 -3.10 22.59 -24.27
CA PHE D 87 -2.27 23.46 -23.47
C PHE D 87 -1.26 24.30 -24.26
N ILE D 88 -0.64 23.70 -25.27
CA ILE D 88 0.35 24.45 -26.04
C ILE D 88 -0.28 25.45 -26.94
N GLU D 89 -1.49 25.16 -27.40
CA GLU D 89 -2.24 26.08 -28.26
C GLU D 89 -2.90 27.24 -27.51
N LYS D 90 -3.50 26.97 -26.36
CA LYS D 90 -4.17 28.04 -25.64
C LYS D 90 -3.26 29.05 -24.92
N TYR D 91 -2.03 28.65 -24.64
CA TYR D 91 -1.08 29.52 -23.92
C TYR D 91 0.21 29.80 -24.69
N ASN D 92 0.51 31.09 -24.82
CA ASN D 92 1.70 31.46 -25.57
C ASN D 92 2.99 31.03 -24.89
N HIS D 93 3.03 31.08 -23.57
CA HIS D 93 4.25 30.74 -22.87
C HIS D 93 4.45 29.28 -22.57
N ILE D 94 3.44 28.49 -22.86
CA ILE D 94 3.50 27.06 -22.59
C ILE D 94 3.99 26.45 -23.91
N HIS D 95 5.03 25.62 -23.85
CA HIS D 95 5.60 25.04 -25.05
C HIS D 95 5.71 23.51 -25.02
N ALA D 96 5.42 22.91 -23.87
CA ALA D 96 5.39 21.45 -23.80
C ALA D 96 4.41 20.99 -22.74
N ALA D 97 3.72 19.91 -23.05
CA ALA D 97 2.73 19.34 -22.17
C ALA D 97 2.98 17.84 -22.08
N HIS D 98 3.03 17.34 -20.87
CA HIS D 98 3.22 15.92 -20.71
C HIS D 98 2.01 15.34 -19.99
N VAL D 99 1.32 14.45 -20.70
CA VAL D 99 0.10 13.86 -20.19
C VAL D 99 0.24 12.38 -19.90
N ASN D 100 0.01 12.02 -18.65
CA ASN D 100 0.01 10.62 -18.26
C ASN D 100 -1.42 10.14 -18.01
N ILE D 101 -1.76 8.94 -18.50
CA ILE D 101 -3.10 8.42 -18.34
C ILE D 101 -3.10 6.96 -17.99
N VAL D 102 -3.72 6.64 -16.85
CA VAL D 102 -3.81 5.28 -16.40
C VAL D 102 -5.24 4.88 -16.46
N CYS D 103 -5.46 3.80 -17.19
CA CYS D 103 -6.80 3.34 -17.40
C CYS D 103 -7.14 2.16 -16.56
N HIS D 104 -8.22 2.30 -15.82
CA HIS D 104 -8.76 1.22 -15.01
C HIS D 104 -9.80 0.31 -15.66
N ARG D 105 -9.70 -0.98 -15.37
CA ARG D 105 -10.64 -1.93 -15.91
C ARG D 105 -12.06 -1.90 -15.33
N TRP D 106 -13.06 -1.75 -16.19
CA TRP D 106 -14.43 -1.83 -15.77
C TRP D 106 -15.07 -2.69 -16.82
N THR D 107 -14.84 -4.00 -16.69
CA THR D 107 -15.29 -5.04 -17.59
C THR D 107 -16.78 -5.36 -17.42
N ARG D 108 -17.58 -5.24 -18.48
CA ARG D 108 -19.01 -5.57 -18.41
C ARG D 108 -19.28 -7.00 -17.93
N MET D 109 -20.24 -7.12 -17.01
CA MET D 109 -20.61 -8.38 -16.39
C MET D 109 -21.46 -9.23 -17.32
N ASP D 110 -21.28 -10.54 -17.24
CA ASP D 110 -22.10 -11.47 -17.98
C ASP D 110 -23.07 -12.15 -17.01
N ILE D 111 -24.33 -11.73 -17.01
CA ILE D 111 -25.31 -12.37 -16.14
C ILE D 111 -26.18 -13.37 -16.88
N ASP D 112 -25.98 -14.64 -16.57
CA ASP D 112 -26.83 -15.70 -17.13
C ASP D 112 -26.35 -16.04 -18.53
N GLY D 113 -25.22 -15.46 -18.92
CA GLY D 113 -24.64 -15.70 -20.24
C GLY D 113 -24.77 -14.51 -21.17
N LYS D 114 -25.55 -13.52 -20.73
CA LYS D 114 -25.71 -12.32 -21.52
C LYS D 114 -25.03 -11.15 -20.88
N PRO D 115 -24.38 -10.33 -21.72
CA PRO D 115 -23.72 -9.12 -21.29
C PRO D 115 -24.71 -8.13 -20.74
N HIS D 116 -24.44 -7.66 -19.54
CA HIS D 116 -25.34 -6.71 -18.92
C HIS D 116 -25.19 -5.30 -19.47
N PRO D 117 -26.31 -4.63 -19.72
CA PRO D 117 -26.28 -3.27 -20.25
C PRO D 117 -25.50 -2.28 -19.43
N HIS D 118 -25.54 -2.39 -18.12
CA HIS D 118 -24.93 -1.35 -17.33
C HIS D 118 -24.20 -1.73 -16.05
N SER D 119 -23.72 -2.96 -15.99
CA SER D 119 -23.10 -3.44 -14.77
C SER D 119 -21.71 -3.93 -15.07
N PHE D 120 -20.74 -3.43 -14.28
CA PHE D 120 -19.33 -3.76 -14.47
C PHE D 120 -18.59 -4.23 -13.27
N ILE D 121 -17.56 -5.02 -13.54
CA ILE D 121 -16.69 -5.58 -12.53
C ILE D 121 -15.23 -5.16 -12.79
N ARG D 122 -14.50 -4.94 -11.73
CA ARG D 122 -13.07 -4.63 -11.84
C ARG D 122 -12.42 -6.00 -11.90
N ASP D 123 -12.27 -6.50 -13.11
CA ASP D 123 -11.82 -7.86 -13.30
C ASP D 123 -10.34 -8.05 -13.29
N SER D 124 -9.62 -7.09 -12.76
CA SER D 124 -8.17 -7.18 -12.67
C SER D 124 -7.46 -5.85 -12.44
N GLU D 125 -6.37 -5.92 -11.72
CA GLU D 125 -5.64 -4.71 -11.39
C GLU D 125 -4.62 -4.29 -12.44
N GLU D 126 -4.69 -4.97 -13.58
CA GLU D 126 -3.85 -4.67 -14.73
C GLU D 126 -4.32 -3.32 -15.27
N LYS D 127 -3.38 -2.52 -15.77
CA LYS D 127 -3.72 -1.21 -16.31
C LYS D 127 -3.20 -0.99 -17.73
N ARG D 128 -3.90 -0.12 -18.47
CA ARG D 128 -3.50 0.29 -19.81
C ARG D 128 -3.23 1.76 -19.70
N ASN D 129 -1.97 2.11 -19.94
CA ASN D 129 -1.56 3.50 -19.84
C ASN D 129 -1.00 4.10 -21.13
N VAL D 130 -0.82 5.42 -21.08
CA VAL D 130 -0.24 6.19 -22.17
C VAL D 130 0.48 7.40 -21.63
N GLN D 131 1.65 7.69 -22.17
CA GLN D 131 2.41 8.90 -21.83
C GLN D 131 2.52 9.59 -23.16
N VAL D 132 2.03 10.80 -23.19
CA VAL D 132 1.93 11.57 -24.41
C VAL D 132 2.65 12.85 -24.19
N ASP D 133 3.73 13.06 -24.93
CA ASP D 133 4.52 14.29 -24.82
C ASP D 133 4.26 15.19 -26.02
N VAL D 134 3.67 16.35 -25.75
CA VAL D 134 3.33 17.28 -26.79
C VAL D 134 4.23 18.51 -26.72
N VAL D 135 5.25 18.52 -27.57
CA VAL D 135 6.20 19.62 -27.62
C VAL D 135 6.02 20.54 -28.83
N GLU D 136 5.96 21.85 -28.57
CA GLU D 136 5.78 22.85 -29.63
C GLU D 136 6.78 22.76 -30.79
N GLY D 137 6.28 22.61 -32.01
CA GLY D 137 7.14 22.49 -33.16
C GLY D 137 7.79 21.11 -33.27
N LYS D 138 7.64 20.27 -32.26
CA LYS D 138 8.23 18.95 -32.38
C LYS D 138 7.24 17.81 -32.62
N GLY D 139 5.93 18.12 -32.56
CA GLY D 139 4.90 17.12 -32.83
C GLY D 139 4.38 16.43 -31.56
N ILE D 140 3.96 15.17 -31.70
CA ILE D 140 3.41 14.38 -30.60
C ILE D 140 4.08 13.01 -30.41
N ASP D 141 4.73 12.83 -29.26
CA ASP D 141 5.35 11.57 -28.90
C ASP D 141 4.44 10.78 -27.91
N ILE D 142 4.12 9.54 -28.30
CA ILE D 142 3.23 8.67 -27.56
C ILE D 142 3.93 7.34 -27.17
N LYS D 143 3.88 7.04 -25.88
CA LYS D 143 4.38 5.77 -25.37
C LYS D 143 3.13 5.07 -24.84
N SER D 144 2.85 3.87 -25.31
CA SER D 144 1.65 3.20 -24.85
C SER D 144 2.07 1.96 -24.13
N SER D 145 1.29 1.50 -23.15
CA SER D 145 1.74 0.34 -22.39
C SER D 145 0.70 -0.37 -21.58
N LEU D 146 1.01 -1.59 -21.22
CA LEU D 146 0.17 -2.34 -20.32
C LEU D 146 1.07 -2.68 -19.12
N SER D 147 0.47 -2.67 -17.93
CA SER D 147 1.22 -2.97 -16.71
C SER D 147 0.37 -3.73 -15.69
N GLY D 148 1.02 -4.35 -14.71
CA GLY D 148 0.24 -4.99 -13.68
C GLY D 148 -0.42 -6.28 -14.13
N LEU D 149 0.20 -6.87 -15.15
CA LEU D 149 -0.21 -8.20 -15.64
C LEU D 149 0.66 -9.21 -14.88
N THR D 150 0.04 -10.02 -14.02
CA THR D 150 0.83 -10.99 -13.26
C THR D 150 0.52 -12.42 -13.72
N VAL D 151 1.58 -13.14 -14.04
CA VAL D 151 1.40 -14.47 -14.62
C VAL D 151 2.29 -15.54 -13.96
N LEU D 152 1.90 -16.80 -14.11
CA LEU D 152 2.69 -17.88 -13.54
C LEU D 152 2.57 -19.11 -14.40
N LYS D 153 3.66 -19.84 -14.55
CA LYS D 153 3.61 -21.10 -15.27
C LYS D 153 4.32 -22.12 -14.42
N SER D 154 3.63 -23.20 -14.07
CA SER D 154 4.14 -24.21 -13.14
C SER D 154 5.29 -25.06 -13.62
N THR D 155 5.61 -25.00 -14.90
CA THR D 155 6.66 -25.83 -15.49
C THR D 155 7.00 -25.29 -16.87
N ASN D 156 7.92 -25.95 -17.58
CA ASN D 156 8.27 -25.50 -18.93
C ASN D 156 9.07 -24.22 -18.90
N SER D 157 9.99 -24.19 -17.94
CA SER D 157 10.95 -23.12 -17.76
C SER D 157 12.14 -23.79 -17.11
N GLN D 158 13.33 -23.36 -17.50
CA GLN D 158 14.55 -23.88 -16.90
C GLN D 158 15.55 -22.75 -16.76
N PHE D 159 16.60 -23.07 -16.02
CA PHE D 159 17.70 -22.14 -15.86
C PHE D 159 18.93 -22.98 -15.62
N TRP D 160 19.84 -22.93 -16.58
CA TRP D 160 21.11 -23.64 -16.49
C TRP D 160 22.02 -23.08 -17.55
N GLY D 161 23.33 -23.23 -17.31
CA GLY D 161 24.33 -22.74 -18.23
C GLY D 161 24.73 -21.30 -17.97
N PHE D 162 24.48 -20.81 -16.76
CA PHE D 162 24.83 -19.43 -16.41
C PHE D 162 26.21 -19.44 -15.77
N LEU D 163 26.88 -18.29 -15.84
CA LEU D 163 28.24 -18.09 -15.32
C LEU D 163 28.42 -18.55 -13.88
N ARG D 164 29.44 -19.36 -13.60
CA ARG D 164 29.65 -19.82 -12.25
C ARG D 164 30.99 -19.46 -11.68
N ASP D 165 30.99 -18.77 -10.55
CA ASP D 165 32.24 -18.40 -9.89
C ASP D 165 32.18 -18.56 -8.39
N GLU D 166 33.07 -17.87 -7.67
CA GLU D 166 33.10 -18.02 -6.22
C GLU D 166 31.91 -17.38 -5.51
N TYR D 167 31.14 -16.57 -6.25
CA TYR D 167 29.96 -15.97 -5.71
C TYR D 167 28.68 -16.76 -6.01
N THR D 168 28.83 -17.87 -6.73
CA THR D 168 27.71 -18.70 -7.20
C THR D 168 27.34 -19.85 -6.27
N THR D 169 26.07 -19.94 -5.91
CA THR D 169 25.59 -21.03 -5.08
C THR D 169 24.35 -21.67 -5.73
N LEU D 170 23.74 -20.95 -6.68
CA LEU D 170 22.54 -21.39 -7.40
C LEU D 170 22.76 -22.74 -8.05
N LYS D 171 21.80 -23.64 -7.91
CA LYS D 171 21.90 -24.89 -8.65
C LYS D 171 21.14 -24.82 -9.97
N GLU D 172 21.73 -25.41 -11.01
CA GLU D 172 21.09 -25.44 -12.32
C GLU D 172 19.77 -26.24 -12.28
N THR D 173 18.83 -25.90 -13.14
CA THR D 173 17.56 -26.58 -13.13
C THR D 173 16.94 -26.75 -14.49
N TRP D 174 16.27 -27.90 -14.63
CA TRP D 174 15.57 -28.24 -15.88
C TRP D 174 14.07 -28.24 -15.74
N ASP D 175 13.57 -27.81 -14.57
CA ASP D 175 12.14 -27.66 -14.36
C ASP D 175 11.85 -26.74 -13.17
N ARG D 176 11.33 -25.56 -13.45
CA ARG D 176 11.15 -24.59 -12.40
C ARG D 176 9.89 -23.79 -12.64
N ILE D 177 9.40 -23.09 -11.63
CA ILE D 177 8.18 -22.29 -11.78
C ILE D 177 8.60 -20.92 -12.31
N LEU D 178 7.87 -20.34 -13.26
CA LEU D 178 8.23 -18.98 -13.68
C LEU D 178 7.05 -18.02 -13.52
N SER D 179 7.20 -17.05 -12.61
CA SER D 179 6.12 -16.06 -12.34
C SER D 179 6.71 -14.66 -12.46
N THR D 180 5.93 -13.70 -12.93
CA THR D 180 6.43 -12.35 -13.12
C THR D 180 5.27 -11.40 -13.36
N ASP D 181 5.51 -10.13 -13.04
CA ASP D 181 4.58 -9.08 -13.39
C ASP D 181 5.10 -8.60 -14.75
N VAL D 182 4.20 -8.30 -15.69
CA VAL D 182 4.67 -7.81 -16.99
C VAL D 182 4.40 -6.33 -17.22
N ASP D 183 5.45 -5.65 -17.62
CA ASP D 183 5.34 -4.26 -17.91
C ASP D 183 5.85 -4.10 -19.32
N ALA D 184 4.92 -3.90 -20.26
CA ALA D 184 5.25 -3.73 -21.68
C ALA D 184 4.88 -2.41 -22.34
N THR D 185 5.89 -1.72 -22.89
CA THR D 185 5.73 -0.41 -23.52
C THR D 185 6.15 -0.38 -24.99
N TRP D 186 5.25 0.10 -25.83
CA TRP D 186 5.58 0.23 -27.22
C TRP D 186 5.53 1.72 -27.57
N GLN D 187 6.61 2.21 -28.20
CA GLN D 187 6.74 3.60 -28.63
C GLN D 187 6.33 3.84 -30.10
N TRP D 188 5.42 4.79 -30.30
CA TRP D 188 5.00 5.11 -31.65
C TRP D 188 5.96 6.07 -32.31
N LYS D 189 5.96 6.02 -33.63
CA LYS D 189 6.71 6.95 -34.43
C LYS D 189 6.14 8.35 -34.19
N ASN D 190 6.98 9.37 -34.27
CA ASN D 190 6.50 10.73 -33.98
C ASN D 190 5.32 11.08 -34.86
N PHE D 191 4.32 11.76 -34.32
CA PHE D 191 3.22 12.23 -35.17
C PHE D 191 3.44 13.73 -35.33
N SER D 192 2.99 14.30 -36.45
CA SER D 192 3.23 15.72 -36.71
C SER D 192 2.30 16.60 -35.91
N GLY D 193 1.18 16.02 -35.49
CA GLY D 193 0.17 16.74 -34.73
C GLY D 193 -1.15 15.98 -34.59
N LEU D 194 -2.16 16.68 -34.06
CA LEU D 194 -3.48 16.12 -33.80
C LEU D 194 -4.14 15.34 -34.96
N GLN D 195 -4.01 15.87 -36.18
CA GLN D 195 -4.61 15.27 -37.35
C GLN D 195 -4.01 13.94 -37.73
N GLU D 196 -2.68 13.83 -37.62
CA GLU D 196 -2.02 12.57 -37.94
C GLU D 196 -2.41 11.48 -36.92
N VAL D 197 -2.63 11.91 -35.70
CA VAL D 197 -3.06 11.05 -34.61
C VAL D 197 -4.45 10.54 -34.91
N ARG D 198 -5.36 11.47 -35.18
CA ARG D 198 -6.77 11.15 -35.49
C ARG D 198 -6.88 10.15 -36.62
N SER D 199 -5.99 10.31 -37.59
CA SER D 199 -5.97 9.44 -38.73
C SER D 199 -5.65 8.00 -38.35
N HIS D 200 -4.87 7.81 -37.29
CA HIS D 200 -4.47 6.46 -36.86
C HIS D 200 -5.27 5.79 -35.74
N VAL D 201 -6.28 6.50 -35.26
CA VAL D 201 -7.08 6.02 -34.15
C VAL D 201 -7.25 4.50 -34.04
N PRO D 202 -7.69 3.86 -35.12
CA PRO D 202 -7.94 2.42 -35.11
C PRO D 202 -6.76 1.53 -34.68
N LYS D 203 -5.56 2.00 -34.99
CA LYS D 203 -4.35 1.24 -34.69
C LYS D 203 -4.08 1.11 -33.18
N PHE D 204 -4.56 2.11 -32.43
CA PHE D 204 -4.33 2.12 -31.00
C PHE D 204 -4.89 0.93 -30.21
N ASP D 205 -6.21 0.77 -30.20
CA ASP D 205 -6.85 -0.33 -29.46
C ASP D 205 -6.33 -1.67 -30.00
N ALA D 206 -6.10 -1.68 -31.31
CA ALA D 206 -5.71 -2.87 -32.05
C ALA D 206 -4.33 -3.34 -31.63
N THR D 207 -3.44 -2.38 -31.47
CA THR D 207 -2.07 -2.68 -31.09
C THR D 207 -2.01 -3.17 -29.64
N TRP D 208 -2.83 -2.55 -28.78
CA TRP D 208 -2.86 -2.88 -27.37
C TRP D 208 -3.27 -4.35 -27.25
N ALA D 209 -4.34 -4.68 -27.95
CA ALA D 209 -4.84 -6.03 -27.95
C ALA D 209 -3.83 -7.04 -28.48
N THR D 210 -3.02 -6.59 -29.44
CA THR D 210 -2.00 -7.46 -30.04
C THR D 210 -0.91 -7.67 -29.02
N ALA D 211 -0.35 -6.56 -28.54
CA ALA D 211 0.71 -6.54 -27.52
C ALA D 211 0.42 -7.50 -26.37
N ARG D 212 -0.83 -7.46 -25.90
CA ARG D 212 -1.29 -8.29 -24.78
C ARG D 212 -1.36 -9.79 -25.17
N GLU D 213 -1.99 -10.07 -26.30
CA GLU D 213 -2.15 -11.43 -26.79
C GLU D 213 -0.81 -12.11 -27.08
N VAL D 214 0.11 -11.36 -27.68
CA VAL D 214 1.46 -11.84 -27.96
C VAL D 214 2.12 -12.21 -26.65
N THR D 215 2.01 -11.33 -25.67
CA THR D 215 2.66 -11.52 -24.38
C THR D 215 2.16 -12.79 -23.69
N LEU D 216 0.83 -12.86 -23.56
CA LEU D 216 0.19 -14.01 -22.95
C LEU D 216 0.57 -15.33 -23.62
N LYS D 217 0.39 -15.39 -24.94
CA LYS D 217 0.65 -16.57 -25.74
C LYS D 217 2.10 -17.01 -25.70
N THR D 218 3.02 -16.06 -25.82
CA THR D 218 4.44 -16.39 -25.88
C THR D 218 4.89 -16.88 -24.54
N PHE D 219 4.37 -16.25 -23.49
CA PHE D 219 4.79 -16.64 -22.17
C PHE D 219 4.40 -18.09 -21.99
N ALA D 220 3.11 -18.40 -22.23
CA ALA D 220 2.51 -19.72 -22.08
C ALA D 220 3.15 -20.80 -22.93
N GLU D 221 3.47 -20.47 -24.19
CA GLU D 221 3.99 -21.44 -25.13
C GLU D 221 5.49 -21.63 -25.16
N ASP D 222 6.23 -20.58 -24.90
CA ASP D 222 7.69 -20.69 -24.86
C ASP D 222 8.22 -21.55 -23.72
N ASN D 223 9.04 -22.52 -24.06
CA ASN D 223 9.68 -23.39 -23.07
C ASN D 223 11.15 -23.04 -23.17
N SER D 224 11.55 -21.98 -22.48
CA SER D 224 12.92 -21.48 -22.58
C SER D 224 13.72 -21.60 -21.31
N ALA D 225 15.03 -21.40 -21.43
CA ALA D 225 15.89 -21.34 -20.25
C ALA D 225 16.44 -19.93 -20.13
N SER D 226 15.82 -19.01 -20.86
CA SER D 226 16.16 -17.57 -20.84
C SER D 226 14.91 -16.69 -20.78
N VAL D 227 14.66 -16.01 -19.64
CA VAL D 227 13.50 -15.10 -19.61
C VAL D 227 13.77 -14.04 -20.66
N GLN D 228 15.07 -13.72 -20.79
CA GLN D 228 15.59 -12.72 -21.73
C GLN D 228 15.17 -13.12 -23.13
N ALA D 229 15.44 -14.38 -23.47
CA ALA D 229 15.08 -14.92 -24.77
C ALA D 229 13.61 -14.77 -25.01
N THR D 230 12.80 -15.09 -23.98
CA THR D 230 11.36 -14.99 -24.14
C THR D 230 10.92 -13.56 -24.38
N MET D 231 11.38 -12.64 -23.56
CA MET D 231 10.99 -11.25 -23.71
C MET D 231 11.32 -10.78 -25.10
N TYR D 232 12.45 -11.23 -25.60
CA TYR D 232 12.88 -10.79 -26.92
C TYR D 232 11.91 -11.25 -28.01
N LYS D 233 11.60 -12.54 -28.03
CA LYS D 233 10.60 -13.05 -28.96
C LYS D 233 9.32 -12.16 -28.92
N MET D 234 8.86 -11.81 -27.73
CA MET D 234 7.68 -11.00 -27.60
C MET D 234 7.81 -9.71 -28.38
N ALA D 235 8.97 -9.10 -28.24
CA ALA D 235 9.22 -7.79 -28.83
C ALA D 235 9.13 -7.89 -30.34
N GLU D 236 9.86 -8.84 -30.88
CA GLU D 236 9.90 -9.09 -32.31
C GLU D 236 8.52 -9.16 -32.92
N GLN D 237 7.67 -10.03 -32.40
CA GLN D 237 6.32 -10.16 -32.93
C GLN D 237 5.55 -8.83 -32.94
N ILE D 238 5.62 -8.09 -31.85
CA ILE D 238 4.91 -6.83 -31.76
C ILE D 238 5.42 -5.88 -32.82
N LEU D 239 6.76 -5.78 -32.97
CA LEU D 239 7.35 -4.91 -33.99
C LEU D 239 6.94 -5.36 -35.38
N ALA D 240 6.90 -6.69 -35.56
CA ALA D 240 6.46 -7.27 -36.82
C ALA D 240 5.01 -6.93 -37.17
N ARG D 241 4.11 -7.10 -36.22
CA ARG D 241 2.72 -6.86 -36.44
C ARG D 241 2.30 -5.39 -36.50
N GLN D 242 3.22 -4.44 -36.36
CA GLN D 242 2.80 -3.03 -36.43
C GLN D 242 3.93 -2.05 -36.79
N GLN D 243 3.95 -1.65 -38.04
CA GLN D 243 5.00 -0.83 -38.59
C GLN D 243 5.21 0.52 -37.88
N LEU D 244 4.13 1.12 -37.40
CA LEU D 244 4.20 2.45 -36.81
C LEU D 244 4.92 2.53 -35.44
N ILE D 245 5.24 1.38 -34.87
CA ILE D 245 5.89 1.29 -33.57
C ILE D 245 7.37 1.32 -33.83
N GLU D 246 8.10 2.20 -33.15
CA GLU D 246 9.56 2.26 -33.31
C GLU D 246 10.33 1.32 -32.37
N THR D 247 9.99 1.34 -31.09
CA THR D 247 10.63 0.46 -30.09
C THR D 247 9.61 -0.29 -29.21
N VAL D 248 10.01 -1.46 -28.73
CA VAL D 248 9.19 -2.18 -27.75
C VAL D 248 10.05 -2.43 -26.50
N GLU D 249 9.49 -2.19 -25.33
CA GLU D 249 10.27 -2.33 -24.11
C GLU D 249 9.56 -3.24 -23.15
N TYR D 250 10.31 -4.13 -22.52
CA TYR D 250 9.72 -5.02 -21.54
C TYR D 250 10.50 -4.88 -20.24
N SER D 251 9.79 -4.97 -19.12
CA SER D 251 10.41 -4.97 -17.80
C SER D 251 9.67 -6.08 -17.09
N LEU D 252 10.39 -7.14 -16.73
CA LEU D 252 9.79 -8.27 -16.00
C LEU D 252 10.48 -8.44 -14.65
N PRO D 253 9.76 -8.14 -13.57
CA PRO D 253 10.23 -8.40 -12.20
C PRO D 253 9.82 -9.80 -11.77
N ASN D 254 10.79 -10.71 -11.79
CA ASN D 254 10.59 -12.11 -11.42
C ASN D 254 10.04 -12.28 -10.01
N LYS D 255 9.25 -13.32 -9.82
CA LYS D 255 8.73 -13.65 -8.51
C LYS D 255 9.19 -15.07 -8.14
N HIS D 256 10.15 -15.20 -7.21
CA HIS D 256 10.62 -16.56 -6.93
C HIS D 256 9.78 -17.45 -6.00
N TYR D 257 9.70 -18.73 -6.35
CA TYR D 257 9.04 -19.75 -5.54
C TYR D 257 10.11 -20.79 -5.12
N PHE D 258 10.42 -20.88 -3.84
CA PHE D 258 11.50 -21.75 -3.41
C PHE D 258 11.01 -23.13 -3.06
N GLU D 259 11.93 -24.08 -3.22
CA GLU D 259 11.61 -25.46 -2.88
C GLU D 259 11.82 -25.58 -1.38
N ILE D 260 10.98 -26.36 -0.72
CA ILE D 260 11.06 -26.56 0.74
C ILE D 260 11.46 -28.02 1.06
N ASP D 261 12.69 -28.20 1.56
CA ASP D 261 13.18 -29.56 1.88
C ASP D 261 12.54 -30.01 3.19
N LEU D 262 11.77 -31.08 3.10
CA LEU D 262 11.06 -31.59 4.27
C LEU D 262 11.61 -32.95 4.69
N SER D 263 12.73 -33.33 4.09
CA SER D 263 13.35 -34.62 4.36
C SER D 263 13.68 -34.80 5.83
N TRP D 264 13.98 -33.72 6.53
CA TRP D 264 14.29 -33.78 7.96
C TRP D 264 13.13 -34.30 8.77
N HIS D 265 11.97 -34.42 8.15
CA HIS D 265 10.78 -34.86 8.85
C HIS D 265 10.27 -36.14 8.26
N LYS D 266 10.62 -37.25 8.90
CA LYS D 266 10.15 -38.54 8.42
C LYS D 266 10.53 -38.73 6.95
N GLY D 267 11.72 -38.24 6.60
CA GLY D 267 12.25 -38.38 5.25
C GLY D 267 11.26 -38.03 4.16
N LEU D 268 10.37 -37.11 4.47
CA LEU D 268 9.40 -36.60 3.54
C LEU D 268 10.11 -36.10 2.28
N GLN D 269 9.65 -36.55 1.12
CA GLN D 269 10.24 -36.12 -0.16
C GLN D 269 9.51 -34.95 -0.85
N ASN D 270 10.13 -33.78 -0.90
CA ASN D 270 9.46 -32.61 -1.48
C ASN D 270 10.32 -31.73 -2.37
N THR D 271 11.43 -32.28 -2.85
CA THR D 271 12.31 -31.55 -3.75
C THR D 271 12.48 -32.31 -5.04
N GLY D 272 13.10 -31.64 -6.00
CA GLY D 272 13.34 -32.19 -7.32
C GLY D 272 12.01 -32.66 -7.89
N LYS D 273 12.01 -33.86 -8.41
CA LYS D 273 10.86 -34.47 -9.03
C LYS D 273 9.67 -34.66 -8.10
N ASN D 274 9.90 -34.47 -6.80
CA ASN D 274 8.82 -34.65 -5.83
C ASN D 274 8.27 -33.34 -5.31
N ALA D 275 8.89 -32.24 -5.69
CA ALA D 275 8.44 -30.96 -5.18
C ALA D 275 6.97 -30.77 -5.47
N GLU D 276 6.20 -30.46 -4.42
CA GLU D 276 4.75 -30.21 -4.51
C GLU D 276 4.35 -28.90 -3.82
N VAL D 277 4.97 -28.69 -2.64
CA VAL D 277 4.78 -27.49 -1.84
C VAL D 277 5.98 -26.58 -1.96
N PHE D 278 5.70 -25.31 -2.24
CA PHE D 278 6.75 -24.32 -2.40
C PHE D 278 6.43 -23.11 -1.56
N ALA D 279 7.52 -22.37 -1.30
CA ALA D 279 7.51 -21.15 -0.55
C ALA D 279 7.64 -19.92 -1.44
N PRO D 280 6.52 -19.26 -1.74
CA PRO D 280 6.52 -18.01 -2.51
C PRO D 280 7.34 -16.96 -1.78
N GLN D 281 8.25 -16.28 -2.47
CA GLN D 281 9.09 -15.27 -1.82
C GLN D 281 8.69 -13.84 -2.11
N SER D 282 8.45 -13.05 -1.06
CA SER D 282 8.09 -11.67 -1.32
C SER D 282 9.24 -10.85 -1.88
N ASP D 283 10.46 -11.15 -1.46
CA ASP D 283 11.61 -10.49 -2.00
C ASP D 283 12.85 -11.34 -1.66
N PRO D 284 14.02 -11.02 -2.23
CA PRO D 284 14.13 -10.00 -3.25
C PRO D 284 13.65 -10.68 -4.51
N ASN D 285 13.86 -9.99 -5.64
CA ASN D 285 13.39 -10.50 -6.91
C ASN D 285 14.26 -10.09 -8.06
N GLY D 286 14.32 -10.97 -9.05
CA GLY D 286 15.05 -10.70 -10.28
C GLY D 286 14.33 -9.60 -11.05
N LEU D 287 15.09 -8.81 -11.80
CA LEU D 287 14.48 -7.79 -12.63
C LEU D 287 15.20 -7.75 -13.97
N ILE D 288 14.53 -8.17 -15.03
CA ILE D 288 15.09 -8.13 -16.37
C ILE D 288 14.43 -7.07 -17.28
N LYS D 289 15.24 -6.28 -17.96
CA LYS D 289 14.71 -5.27 -18.86
C LYS D 289 15.41 -5.34 -20.20
N CYS D 290 14.80 -4.72 -21.20
CA CYS D 290 15.36 -4.67 -22.53
C CYS D 290 14.50 -3.87 -23.51
N THR D 291 15.15 -3.01 -24.28
CA THR D 291 14.44 -2.26 -25.31
C THR D 291 14.82 -2.77 -26.69
N VAL D 292 13.84 -3.25 -27.43
CA VAL D 292 14.11 -3.75 -28.76
C VAL D 292 13.55 -2.83 -29.84
N GLY D 293 14.40 -2.51 -30.82
CA GLY D 293 14.01 -1.63 -31.92
C GLY D 293 14.34 -2.32 -33.23
N ARG D 294 14.07 -1.65 -34.36
CA ARG D 294 14.30 -2.24 -35.69
C ARG D 294 15.75 -2.21 -36.19
N SER D 295 16.15 -3.31 -36.83
CA SER D 295 17.50 -3.48 -37.33
C SER D 295 17.82 -2.48 -38.45
N SER D 296 19.11 -2.22 -38.67
#